data_3UOG
#
_entry.id   3UOG
#
_cell.length_a   149.222
_cell.length_b   102.396
_cell.length_c   79.018
_cell.angle_alpha   90.000
_cell.angle_beta   118.810
_cell.angle_gamma   90.000
#
_symmetry.space_group_name_H-M   'C 1 2 1'
#
loop_
_entity.id
_entity.type
_entity.pdbx_description
1 polymer 'Alcohol dehydrogenase'
2 non-polymer 'SULFATE ION'
3 water water
#
_entity_poly.entity_id   1
_entity_poly.type   'polypeptide(L)'
_entity_poly.pdbx_seq_one_letter_code
;(MSE)HHHHHHSSGVDLGTENLYFQS(MSE)(MSE)SKW(MSE)QEWSTETVAPHDLKLAERPVPEAGEHDIIVRTLAVS
LNYRDKLVLETG(MSE)GLDLAFPFVPASD(MSE)SGVVEAVGKSVTRFRPGDRVISTFAPGWLDGLRPGTGRTPAYETL
GGAHPGVLSEYVVLPEGWFVAAPKSLDAAEASTLPCAGLTAWFALVEKGHLRAGDRVVVQGTGGVALFGLQIAKATGAEV
IVTSSSREKLDRAFALGADHGINRLEEDWVERVYALTGDRGADHILEIAGGAGLGQSLKAVAPDGRISVIGVLEGFEVSG
PVGPLLLKSPVVQGISVGHRRALEDLVGAVDRLGLKPVID(MSE)RYKFTEVPEALAHLDRGPFGKVVIEF
;
_entity_poly.pdbx_strand_id   A,B
#
# COMPACT_ATOMS: atom_id res chain seq x y z
N SER A 25 -31.47 -19.79 33.66
CA SER A 25 -30.90 -21.04 34.17
C SER A 25 -29.53 -20.84 34.82
N LYS A 26 -29.15 -21.78 35.67
CA LYS A 26 -27.94 -21.66 36.48
C LYS A 26 -26.65 -22.06 35.77
N TRP A 27 -26.75 -22.98 34.83
CA TRP A 27 -25.57 -23.55 34.19
C TRP A 27 -25.64 -23.38 32.72
N GLN A 29 -23.61 -24.53 28.79
CA GLN A 29 -22.63 -25.30 28.04
C GLN A 29 -21.79 -24.43 27.10
N GLU A 30 -20.52 -24.83 26.96
CA GLU A 30 -19.57 -24.20 26.05
C GLU A 30 -18.64 -25.27 25.43
N TRP A 31 -18.04 -24.93 24.28
CA TRP A 31 -16.95 -25.75 23.76
C TRP A 31 -15.67 -25.18 24.27
N SER A 32 -14.86 -26.02 24.88
CA SER A 32 -13.77 -25.51 25.69
C SER A 32 -12.52 -26.44 25.62
N THR A 33 -11.35 -25.83 25.76
CA THR A 33 -10.09 -26.59 25.74
C THR A 33 -9.13 -26.12 26.85
N GLU A 34 -8.48 -27.09 27.50
CA GLU A 34 -7.48 -26.79 28.54
C GLU A 34 -6.10 -26.49 27.93
N THR A 35 -5.94 -26.80 26.64
CA THR A 35 -4.64 -26.80 25.96
C THR A 35 -4.83 -26.37 24.50
N VAL A 36 -3.78 -25.85 23.87
CA VAL A 36 -3.83 -25.67 22.42
C VAL A 36 -2.56 -26.20 21.85
N ALA A 37 -2.63 -26.67 20.59
CA ALA A 37 -1.46 -26.91 19.77
C ALA A 37 -0.62 -27.99 20.38
N PRO A 38 -1.26 -29.11 20.67
CA PRO A 38 -2.60 -29.37 20.20
C PRO A 38 -3.70 -29.11 21.19
N HIS A 39 -4.93 -29.11 20.71
CA HIS A 39 -6.06 -28.84 21.54
C HIS A 39 -6.84 -30.06 21.88
N ASP A 40 -7.53 -30.02 23.02
CA ASP A 40 -8.60 -30.94 23.29
C ASP A 40 -9.92 -30.27 23.57
N LEU A 41 -10.53 -29.77 22.52
CA LEU A 41 -11.80 -29.07 22.59
C LEU A 41 -12.94 -30.03 22.86
N LYS A 42 -13.85 -29.63 23.74
CA LYS A 42 -14.94 -30.53 24.18
C LYS A 42 -16.05 -29.75 24.91
N LEU A 43 -17.14 -30.45 25.16
CA LEU A 43 -18.27 -29.86 25.86
C LEU A 43 -18.03 -29.80 27.35
N ALA A 44 -18.09 -28.59 27.91
CA ALA A 44 -18.06 -28.38 29.35
C ALA A 44 -19.27 -27.61 29.81
N GLU A 45 -19.56 -27.74 31.09
CA GLU A 45 -20.71 -27.08 31.68
C GLU A 45 -20.24 -26.26 32.87
N ARG A 46 -20.46 -24.97 32.82
CA ARG A 46 -20.09 -24.14 33.96
C ARG A 46 -21.21 -23.17 34.32
N PRO A 47 -21.10 -22.52 35.50
CA PRO A 47 -22.12 -21.57 35.94
C PRO A 47 -22.15 -20.37 35.01
N VAL A 48 -23.34 -19.88 34.70
CA VAL A 48 -23.51 -18.65 33.93
C VAL A 48 -22.87 -17.50 34.70
N PRO A 49 -21.91 -16.78 34.09
CA PRO A 49 -21.23 -15.80 34.90
C PRO A 49 -22.14 -14.61 35.18
N GLU A 50 -21.79 -13.88 36.24
CA GLU A 50 -22.58 -12.76 36.66
C GLU A 50 -22.26 -11.54 35.80
N ALA A 51 -23.30 -10.78 35.45
CA ALA A 51 -23.13 -9.56 34.68
C ALA A 51 -22.71 -8.42 35.58
N GLY A 52 -21.64 -7.75 35.18
CA GLY A 52 -21.20 -6.55 35.85
C GLY A 52 -22.12 -5.42 35.45
N GLU A 53 -21.84 -4.25 36.03
CA GLU A 53 -22.66 -3.07 35.86
C GLU A 53 -22.91 -2.66 34.40
N HIS A 54 -21.91 -2.85 33.55
CA HIS A 54 -21.97 -2.51 32.12
C HIS A 54 -22.07 -3.71 31.20
N ASP A 55 -21.97 -4.93 31.74
CA ASP A 55 -22.06 -6.13 30.91
C ASP A 55 -23.50 -6.36 30.46
N ILE A 56 -23.71 -7.02 29.32
CA ILE A 56 -25.03 -7.55 28.97
C ILE A 56 -24.90 -9.06 28.87
N ILE A 57 -26.01 -9.78 29.04
CA ILE A 57 -26.02 -11.23 28.84
C ILE A 57 -26.81 -11.52 27.57
N VAL A 58 -26.14 -12.21 26.66
CA VAL A 58 -26.74 -12.57 25.39
C VAL A 58 -26.95 -14.07 25.35
N ARG A 59 -28.11 -14.51 24.90
CA ARG A 59 -28.31 -15.91 24.65
C ARG A 59 -27.98 -16.11 23.21
N THR A 60 -27.02 -17.00 22.99
CA THR A 60 -26.39 -17.24 21.70
C THR A 60 -27.32 -17.98 20.76
N LEU A 61 -27.51 -17.46 19.56
CA LEU A 61 -28.35 -18.18 18.60
C LEU A 61 -27.53 -18.82 17.47
N ALA A 62 -26.49 -18.12 17.02
CA ALA A 62 -25.62 -18.57 15.94
C ALA A 62 -24.15 -18.16 16.15
N VAL A 63 -23.25 -19.07 15.80
CA VAL A 63 -21.82 -18.73 15.71
C VAL A 63 -21.22 -19.10 14.35
N SER A 64 -20.49 -18.16 13.78
CA SER A 64 -19.82 -18.36 12.50
C SER A 64 -18.38 -18.66 12.79
N LEU A 65 -17.88 -19.73 12.20
CA LEU A 65 -16.48 -20.06 12.37
C LEU A 65 -15.69 -19.24 11.37
N ASN A 66 -14.42 -19.05 11.71
CA ASN A 66 -13.46 -18.33 10.86
C ASN A 66 -12.21 -19.18 10.84
N TYR A 67 -11.37 -19.00 9.81
CA TYR A 67 -10.20 -19.87 9.64
C TYR A 67 -9.20 -19.69 10.81
N ARG A 68 -9.14 -18.47 11.34
CA ARG A 68 -8.27 -18.24 12.49
C ARG A 68 -8.52 -19.12 13.74
N ASP A 69 -9.77 -19.52 13.97
CA ASP A 69 -10.13 -20.38 15.10
C ASP A 69 -9.41 -21.72 15.04
N LYS A 70 -9.21 -22.21 13.82
CA LYS A 70 -8.48 -23.46 13.60
C LYS A 70 -7.01 -23.26 13.97
N LEU A 71 -6.49 -22.09 13.59
CA LEU A 71 -5.12 -21.68 13.88
C LEU A 71 -4.85 -21.42 15.38
N VAL A 72 -5.78 -20.76 16.06
CA VAL A 72 -5.66 -20.60 17.50
C VAL A 72 -5.69 -21.98 18.20
N LEU A 73 -6.72 -22.77 17.93
CA LEU A 73 -6.77 -24.13 18.45
C LEU A 73 -5.51 -24.94 18.13
N GLU A 74 -5.07 -24.95 16.87
CA GLU A 74 -3.97 -25.83 16.50
C GLU A 74 -2.55 -25.28 16.62
N THR A 75 -2.39 -23.95 16.60
CA THR A 75 -1.04 -23.41 16.77
C THR A 75 -0.84 -22.61 18.07
N GLY A 76 -1.94 -22.08 18.61
CA GLY A 76 -1.87 -21.15 19.72
C GLY A 76 -1.78 -19.74 19.16
N GLY A 78 0.61 -17.63 18.93
CA GLY A 78 1.38 -16.77 19.82
C GLY A 78 0.67 -16.12 20.98
N LEU A 79 -0.64 -16.35 21.13
CA LEU A 79 -1.46 -15.61 22.11
C LEU A 79 -1.34 -16.10 23.53
N ASP A 80 -1.53 -15.20 24.48
CA ASP A 80 -1.65 -15.63 25.87
C ASP A 80 -3.11 -15.87 26.18
N LEU A 81 -3.46 -17.14 26.32
CA LEU A 81 -4.85 -17.51 26.42
C LEU A 81 -5.18 -17.83 27.85
N ALA A 82 -6.39 -17.45 28.25
CA ALA A 82 -6.93 -17.85 29.52
C ALA A 82 -7.69 -19.18 29.35
N PHE A 83 -7.20 -20.21 30.01
CA PHE A 83 -7.81 -21.54 29.95
C PHE A 83 -8.71 -21.72 31.15
N PRO A 84 -9.84 -22.46 31.00
CA PRO A 84 -10.46 -23.02 29.79
C PRO A 84 -10.65 -21.95 28.75
N PHE A 85 -10.21 -22.22 27.51
CA PHE A 85 -10.40 -21.31 26.40
C PHE A 85 -11.60 -21.75 25.56
N VAL A 86 -12.41 -20.78 25.14
CA VAL A 86 -13.53 -20.99 24.23
C VAL A 86 -13.24 -20.25 22.92
N PRO A 87 -13.22 -20.97 21.79
CA PRO A 87 -12.91 -20.34 20.49
C PRO A 87 -14.08 -19.54 19.92
N ALA A 88 -13.82 -18.91 18.78
CA ALA A 88 -14.77 -18.20 17.93
C ALA A 88 -15.06 -16.78 18.39
N SER A 89 -15.41 -15.92 17.46
CA SER A 89 -15.55 -14.52 17.75
C SER A 89 -16.88 -13.96 17.26
N ASP A 90 -17.47 -14.60 16.24
CA ASP A 90 -18.63 -14.03 15.56
C ASP A 90 -19.86 -14.76 16.05
N SER A 92 -24.38 -14.17 16.82
CA SER A 92 -25.58 -13.39 16.92
C SER A 92 -26.41 -14.01 18.03
N GLY A 93 -27.12 -13.19 18.78
CA GLY A 93 -27.99 -13.67 19.86
C GLY A 93 -29.05 -12.69 20.30
N VAL A 94 -29.70 -13.00 21.42
CA VAL A 94 -30.78 -12.17 21.97
C VAL A 94 -30.39 -11.76 23.36
N VAL A 95 -30.58 -10.49 23.68
CA VAL A 95 -30.17 -9.97 24.97
C VAL A 95 -31.11 -10.48 26.05
N GLU A 96 -30.53 -11.09 27.08
CA GLU A 96 -31.33 -11.68 28.15
C GLU A 96 -31.41 -10.74 29.35
N ALA A 97 -30.26 -10.20 29.75
CA ALA A 97 -30.20 -9.31 30.92
C ALA A 97 -29.15 -8.24 30.71
N VAL A 98 -29.40 -7.04 31.22
CA VAL A 98 -28.43 -5.95 31.14
C VAL A 98 -28.07 -5.50 32.56
N GLY A 99 -26.84 -5.02 32.76
CA GLY A 99 -26.40 -4.54 34.07
C GLY A 99 -27.00 -3.18 34.35
N LYS A 100 -26.92 -2.76 35.61
CA LYS A 100 -27.55 -1.51 36.10
C LYS A 100 -27.28 -0.26 35.24
N SER A 101 -26.14 -0.20 34.57
CA SER A 101 -25.76 0.99 33.80
C SER A 101 -25.74 0.81 32.29
N VAL A 102 -26.29 -0.28 31.80
CA VAL A 102 -26.36 -0.52 30.37
C VAL A 102 -27.31 0.47 29.68
N THR A 103 -26.80 1.08 28.64
CA THR A 103 -27.48 2.13 27.91
C THR A 103 -27.74 1.69 26.45
N ARG A 104 -26.93 0.76 25.94
CA ARG A 104 -26.96 0.45 24.50
C ARG A 104 -28.04 -0.56 24.09
N PHE A 105 -28.47 -1.39 25.03
CA PHE A 105 -29.42 -2.46 24.72
C PHE A 105 -30.29 -2.80 25.90
N ARG A 106 -31.47 -3.28 25.57
CA ARG A 106 -32.41 -3.82 26.56
C ARG A 106 -32.66 -5.30 26.26
N PRO A 107 -33.17 -6.04 27.28
CA PRO A 107 -33.51 -7.45 27.02
C PRO A 107 -34.44 -7.56 25.81
N GLY A 108 -34.18 -8.54 24.96
CA GLY A 108 -35.01 -8.73 23.79
C GLY A 108 -34.37 -8.25 22.51
N ASP A 109 -33.44 -7.29 22.59
CA ASP A 109 -32.74 -6.77 21.42
C ASP A 109 -31.90 -7.88 20.79
N ARG A 110 -31.84 -7.88 19.46
CA ARG A 110 -30.96 -8.81 18.74
C ARG A 110 -29.59 -8.17 18.50
N VAL A 111 -28.54 -8.93 18.80
CA VAL A 111 -27.19 -8.41 18.67
C VAL A 111 -26.27 -9.35 17.92
N ILE A 112 -25.17 -8.77 17.43
CA ILE A 112 -23.99 -9.51 17.01
C ILE A 112 -22.82 -8.91 17.76
N SER A 113 -21.80 -9.75 17.97
CA SER A 113 -20.59 -9.34 18.64
C SER A 113 -19.64 -8.62 17.70
N THR A 114 -18.64 -7.96 18.29
CA THR A 114 -17.63 -7.27 17.50
C THR A 114 -16.31 -7.96 17.71
N PHE A 115 -15.69 -8.29 16.57
CA PHE A 115 -14.41 -8.94 16.45
C PHE A 115 -13.25 -8.29 17.21
N ALA A 116 -13.11 -6.96 17.10
CA ALA A 116 -12.02 -6.26 17.76
C ALA A 116 -12.60 -5.21 18.70
N PRO A 117 -12.84 -5.63 19.95
CA PRO A 117 -13.58 -4.87 20.98
C PRO A 117 -13.01 -3.50 21.30
N GLY A 118 -11.69 -3.41 21.42
CA GLY A 118 -11.09 -2.11 21.64
C GLY A 118 -11.54 -1.07 20.62
N TRP A 119 -11.66 -1.51 19.37
CA TRP A 119 -11.54 -0.64 18.23
C TRP A 119 -12.87 -0.20 17.75
N LEU A 120 -13.18 1.05 18.09
CA LEU A 120 -14.50 1.62 17.88
C LEU A 120 -14.64 2.37 16.58
N ASP A 121 -13.57 3.08 16.22
CA ASP A 121 -13.56 3.87 14.98
C ASP A 121 -12.13 4.37 14.80
N GLY A 122 -11.80 4.91 13.62
CA GLY A 122 -10.47 5.51 13.36
C GLY A 122 -9.27 4.57 13.56
N LEU A 123 -8.21 5.11 14.17
CA LEU A 123 -6.91 4.47 14.34
C LEU A 123 -6.93 3.03 14.87
N ARG A 124 -6.33 2.13 14.10
CA ARG A 124 -6.07 0.74 14.55
C ARG A 124 -5.23 0.74 15.84
N PRO A 125 -5.66 0.02 16.88
CA PRO A 125 -4.82 -0.17 18.07
C PRO A 125 -3.55 -1.05 17.84
N GLY A 126 -2.68 -1.10 18.84
CA GLY A 126 -1.40 -1.79 18.71
C GLY A 126 -0.31 -0.74 18.64
N THR A 127 0.95 -1.20 18.77
CA THR A 127 2.14 -0.36 18.69
C THR A 127 2.97 -0.81 17.49
N GLY A 128 3.99 -0.03 17.13
CA GLY A 128 4.94 -0.46 16.07
C GLY A 128 5.59 -1.81 16.36
N ARG A 129 6.05 -1.98 17.60
CA ARG A 129 6.61 -3.24 18.07
C ARG A 129 5.55 -4.31 18.17
N THR A 130 4.38 -3.98 18.72
CA THR A 130 3.36 -5.02 18.98
C THR A 130 2.00 -4.70 18.34
N PRO A 131 1.83 -5.08 17.08
CA PRO A 131 0.67 -4.70 16.29
C PRO A 131 -0.62 -5.40 16.70
N ALA A 132 -0.49 -6.68 17.06
CA ALA A 132 -1.63 -7.61 17.22
C ALA A 132 -2.67 -7.12 18.21
N TYR A 133 -3.76 -6.56 17.69
CA TYR A 133 -4.84 -6.18 18.59
C TYR A 133 -5.51 -7.43 19.18
N GLU A 134 -6.21 -7.23 20.29
CA GLU A 134 -6.91 -8.27 21.02
C GLU A 134 -8.26 -8.60 20.36
N THR A 135 -8.54 -9.87 20.10
CA THR A 135 -9.84 -10.23 19.49
C THR A 135 -10.72 -11.01 20.46
N LEU A 136 -11.97 -11.27 20.08
CA LEU A 136 -12.66 -12.41 20.71
C LEU A 136 -12.01 -13.75 20.27
N GLY A 137 -12.31 -14.84 20.98
CA GLY A 137 -11.63 -16.10 20.67
C GLY A 137 -10.11 -15.94 20.55
N GLY A 138 -9.48 -15.41 21.58
CA GLY A 138 -8.04 -15.20 21.57
C GLY A 138 -7.64 -14.60 22.89
N ALA A 139 -7.17 -13.35 22.82
CA ALA A 139 -6.85 -12.55 24.00
C ALA A 139 -8.09 -12.34 24.85
N HIS A 140 -9.24 -12.25 24.19
CA HIS A 140 -10.53 -12.13 24.88
C HIS A 140 -11.27 -13.42 24.65
N PRO A 141 -12.18 -13.79 25.58
CA PRO A 141 -13.00 -14.99 25.46
C PRO A 141 -13.73 -15.14 24.14
N GLY A 142 -13.92 -16.39 23.72
CA GLY A 142 -14.68 -16.74 22.52
C GLY A 142 -16.18 -16.87 22.77
N VAL A 143 -16.94 -17.19 21.73
CA VAL A 143 -18.38 -17.07 21.83
C VAL A 143 -19.11 -18.39 21.62
N LEU A 144 -18.38 -19.50 21.74
CA LEU A 144 -18.94 -20.83 21.51
C LEU A 144 -19.51 -21.44 22.78
N SER A 145 -20.44 -20.73 23.36
CA SER A 145 -21.14 -21.15 24.57
C SER A 145 -22.57 -20.63 24.47
N GLU A 146 -23.46 -21.20 25.29
CA GLU A 146 -24.90 -20.92 25.24
C GLU A 146 -25.24 -19.47 25.57
N TYR A 147 -24.50 -18.89 26.53
CA TYR A 147 -24.59 -17.47 26.86
C TYR A 147 -23.21 -16.85 26.81
N VAL A 148 -23.16 -15.56 26.54
CA VAL A 148 -21.95 -14.80 26.52
C VAL A 148 -22.17 -13.53 27.36
N VAL A 149 -21.22 -13.21 28.22
CA VAL A 149 -21.36 -12.11 29.14
C VAL A 149 -20.20 -11.13 28.91
N LEU A 150 -20.48 -10.05 28.20
CA LEU A 150 -19.46 -9.12 27.78
C LEU A 150 -19.93 -7.67 27.84
N PRO A 151 -19.00 -6.71 27.83
CA PRO A 151 -19.42 -5.32 27.89
C PRO A 151 -20.44 -4.94 26.82
N GLU A 152 -21.32 -4.00 27.15
CA GLU A 152 -22.34 -3.53 26.19
C GLU A 152 -21.73 -2.99 24.91
N GLY A 153 -20.51 -2.45 25.02
CA GLY A 153 -19.84 -1.77 23.92
C GLY A 153 -19.18 -2.75 22.95
N TRP A 154 -19.33 -4.03 23.23
CA TRP A 154 -18.73 -5.09 22.41
C TRP A 154 -19.70 -5.84 21.54
N PHE A 155 -20.88 -5.26 21.31
CA PHE A 155 -21.94 -5.80 20.48
C PHE A 155 -22.49 -4.64 19.72
N VAL A 156 -23.10 -4.91 18.57
CA VAL A 156 -23.89 -3.92 17.88
C VAL A 156 -25.25 -4.54 17.60
N ALA A 157 -26.25 -3.70 17.32
CA ALA A 157 -27.55 -4.19 16.92
C ALA A 157 -27.37 -5.11 15.74
N ALA A 158 -28.01 -6.28 15.77
CA ALA A 158 -28.07 -7.17 14.59
C ALA A 158 -28.91 -6.53 13.50
N PRO A 159 -28.65 -6.89 12.22
CA PRO A 159 -29.55 -6.47 11.12
C PRO A 159 -30.98 -7.00 11.27
N LYS A 160 -31.96 -6.13 10.98
CA LYS A 160 -33.36 -6.46 11.02
C LYS A 160 -33.75 -7.51 9.98
N SER A 161 -33.05 -7.53 8.85
CA SER A 161 -33.48 -8.35 7.72
C SER A 161 -32.82 -9.73 7.62
N LEU A 162 -32.04 -10.13 8.63
CA LEU A 162 -31.34 -11.43 8.57
C LEU A 162 -31.66 -12.32 9.76
N ASP A 163 -31.62 -13.62 9.57
CA ASP A 163 -31.82 -14.55 10.68
C ASP A 163 -30.52 -14.66 11.49
N ALA A 164 -30.57 -15.37 12.63
CA ALA A 164 -29.42 -15.41 13.54
C ALA A 164 -28.14 -15.86 12.83
N ALA A 165 -28.27 -16.97 12.09
CA ALA A 165 -27.16 -17.60 11.40
C ALA A 165 -26.46 -16.64 10.42
N GLU A 166 -27.24 -16.02 9.53
CA GLU A 166 -26.74 -15.07 8.55
C GLU A 166 -26.07 -13.91 9.27
N ALA A 167 -26.64 -13.53 10.41
CA ALA A 167 -26.14 -12.37 11.13
C ALA A 167 -24.77 -12.66 11.73
N SER A 168 -24.52 -13.91 12.13
CA SER A 168 -23.25 -14.27 12.75
C SER A 168 -22.05 -14.16 11.80
N THR A 169 -22.30 -14.10 10.49
CA THR A 169 -21.24 -14.05 9.50
C THR A 169 -20.55 -12.69 9.35
N LEU A 170 -21.20 -11.64 9.83
CA LEU A 170 -20.77 -10.27 9.55
C LEU A 170 -19.57 -9.73 10.33
N PRO A 171 -19.43 -10.06 11.63
CA PRO A 171 -18.37 -9.41 12.43
C PRO A 171 -16.99 -9.48 11.82
N CYS A 172 -16.71 -10.62 11.19
CA CYS A 172 -15.39 -10.84 10.63
C CYS A 172 -15.34 -10.77 9.10
N ALA A 173 -15.80 -11.80 8.41
CA ALA A 173 -15.73 -11.85 6.94
C ALA A 173 -16.47 -10.69 6.30
N GLY A 174 -17.72 -10.50 6.68
CA GLY A 174 -18.50 -9.40 6.14
C GLY A 174 -17.73 -8.09 6.24
N LEU A 175 -17.29 -7.76 7.48
CA LEU A 175 -16.60 -6.51 7.81
C LEU A 175 -15.26 -6.32 7.11
N THR A 176 -14.43 -7.39 7.07
CA THR A 176 -13.22 -7.38 6.27
C THR A 176 -13.48 -6.98 4.79
N ALA A 177 -14.30 -7.73 4.10
CA ALA A 177 -14.64 -7.37 2.75
C ALA A 177 -15.09 -5.92 2.63
N TRP A 178 -15.92 -5.50 3.56
CA TRP A 178 -16.47 -4.16 3.58
C TRP A 178 -15.40 -3.16 3.89
N PHE A 179 -14.56 -3.48 4.85
CA PHE A 179 -13.49 -2.62 5.22
C PHE A 179 -12.52 -2.41 4.08
N ALA A 180 -12.17 -3.49 3.40
CA ALA A 180 -11.25 -3.41 2.29
C ALA A 180 -11.80 -2.61 1.13
N LEU A 181 -13.06 -2.87 0.79
CA LEU A 181 -13.60 -2.37 -0.45
C LEU A 181 -14.21 -0.97 -0.37
N VAL A 182 -14.77 -0.67 0.80
CA VAL A 182 -15.59 0.51 0.94
C VAL A 182 -14.89 1.54 1.82
N GLU A 183 -14.55 1.13 3.04
CA GLU A 183 -14.03 2.04 4.01
C GLU A 183 -12.65 2.55 3.58
N LYS A 184 -11.73 1.62 3.34
CA LYS A 184 -10.40 1.90 2.80
C LYS A 184 -10.46 2.07 1.27
N GLY A 185 -11.18 1.19 0.61
CA GLY A 185 -11.16 1.11 -0.84
C GLY A 185 -11.93 2.14 -1.67
N HIS A 186 -13.06 2.64 -1.19
CA HIS A 186 -13.92 3.56 -1.98
C HIS A 186 -14.37 3.00 -3.29
N LEU A 187 -14.77 1.72 -3.31
CA LEU A 187 -15.21 1.11 -4.54
C LEU A 187 -16.15 2.03 -5.30
N ARG A 188 -16.05 2.03 -6.62
CA ARG A 188 -17.01 2.79 -7.42
CA ARG A 188 -16.94 2.80 -7.48
C ARG A 188 -17.79 1.90 -8.35
N ALA A 189 -18.95 2.40 -8.77
CA ALA A 189 -19.74 1.74 -9.78
C ALA A 189 -18.87 1.79 -11.02
N GLY A 190 -18.82 0.68 -11.76
CA GLY A 190 -18.02 0.62 -12.96
C GLY A 190 -16.63 0.04 -12.76
N ASP A 191 -16.14 0.05 -11.54
CA ASP A 191 -14.87 -0.59 -11.22
C ASP A 191 -14.91 -2.07 -11.56
N ARG A 192 -13.73 -2.63 -11.81
CA ARG A 192 -13.58 -4.05 -12.00
C ARG A 192 -12.85 -4.58 -10.79
N VAL A 193 -13.43 -5.59 -10.15
CA VAL A 193 -12.89 -6.15 -8.93
C VAL A 193 -12.54 -7.61 -9.18
N VAL A 194 -11.35 -8.00 -8.74
CA VAL A 194 -10.97 -9.40 -8.68
C VAL A 194 -11.04 -9.93 -7.26
N VAL A 195 -11.80 -10.98 -7.13
CA VAL A 195 -11.94 -11.69 -5.91
C VAL A 195 -11.17 -12.99 -6.11
N GLN A 196 -10.24 -13.26 -5.20
CA GLN A 196 -9.42 -14.45 -5.22
C GLN A 196 -10.04 -15.54 -4.38
N GLY A 197 -10.62 -16.54 -5.03
CA GLY A 197 -11.17 -17.69 -4.31
C GLY A 197 -12.62 -17.56 -3.95
N THR A 198 -13.13 -18.52 -3.17
CA THR A 198 -14.56 -18.55 -2.84
C THR A 198 -14.90 -18.70 -1.34
N GLY A 199 -13.98 -18.36 -0.45
CA GLY A 199 -14.30 -18.31 0.99
C GLY A 199 -15.18 -17.12 1.43
N GLY A 200 -15.33 -16.95 2.74
CA GLY A 200 -16.26 -15.98 3.29
C GLY A 200 -15.98 -14.55 2.89
N VAL A 201 -14.73 -14.14 3.08
CA VAL A 201 -14.34 -12.80 2.73
C VAL A 201 -14.55 -12.56 1.23
N ALA A 202 -14.08 -13.48 0.39
CA ALA A 202 -14.23 -13.37 -1.06
C ALA A 202 -15.69 -13.27 -1.52
N LEU A 203 -16.57 -14.09 -0.93
CA LEU A 203 -17.96 -14.06 -1.35
C LEU A 203 -18.64 -12.74 -0.95
N PHE A 204 -18.41 -12.31 0.29
CA PHE A 204 -18.95 -11.02 0.74
C PHE A 204 -18.41 -9.89 -0.16
N GLY A 205 -17.14 -9.99 -0.54
CA GLY A 205 -16.53 -9.07 -1.51
C GLY A 205 -17.31 -9.00 -2.83
N LEU A 206 -17.64 -10.16 -3.37
CA LEU A 206 -18.42 -10.26 -4.59
C LEU A 206 -19.77 -9.56 -4.45
N GLN A 207 -20.41 -9.79 -3.31
CA GLN A 207 -21.73 -9.24 -3.06
C GLN A 207 -21.69 -7.74 -2.84
N ILE A 208 -20.78 -7.29 -1.98
CA ILE A 208 -20.59 -5.85 -1.77
C ILE A 208 -20.16 -5.15 -3.07
N ALA A 209 -19.25 -5.76 -3.83
CA ALA A 209 -18.84 -5.16 -5.11
C ALA A 209 -20.00 -5.01 -6.08
N LYS A 210 -20.81 -6.07 -6.20
CA LYS A 210 -21.98 -6.07 -7.06
C LYS A 210 -23.05 -5.04 -6.69
N ALA A 211 -23.26 -4.85 -5.39
CA ALA A 211 -24.29 -3.93 -4.90
C ALA A 211 -23.85 -2.48 -5.13
N THR A 212 -22.54 -2.32 -5.16
CA THR A 212 -21.89 -1.04 -5.47
C THR A 212 -21.81 -0.71 -6.95
N GLY A 213 -22.28 -1.61 -7.82
CA GLY A 213 -22.19 -1.45 -9.29
C GLY A 213 -20.86 -1.86 -9.94
N ALA A 214 -20.02 -2.59 -9.22
CA ALA A 214 -18.78 -3.04 -9.82
C ALA A 214 -19.02 -4.31 -10.61
N GLU A 215 -18.05 -4.64 -11.46
CA GLU A 215 -18.06 -5.87 -12.21
C GLU A 215 -17.12 -6.78 -11.43
N VAL A 216 -17.47 -8.04 -11.26
CA VAL A 216 -16.66 -8.89 -10.39
C VAL A 216 -16.11 -10.08 -11.15
N ILE A 217 -14.82 -10.34 -10.94
CA ILE A 217 -14.13 -11.48 -11.54
C ILE A 217 -13.67 -12.40 -10.42
N VAL A 218 -14.13 -13.65 -10.46
CA VAL A 218 -13.72 -14.60 -9.45
C VAL A 218 -12.69 -15.55 -10.00
N THR A 219 -11.68 -15.87 -9.21
CA THR A 219 -10.74 -16.91 -9.60
C THR A 219 -10.95 -18.14 -8.71
N SER A 220 -10.84 -19.32 -9.32
CA SER A 220 -10.98 -20.56 -8.57
C SER A 220 -10.10 -21.63 -9.17
N SER A 221 -9.96 -22.74 -8.45
CA SER A 221 -9.42 -23.94 -9.05
C SER A 221 -10.49 -25.03 -9.06
N SER A 222 -11.75 -24.58 -9.01
CA SER A 222 -12.92 -25.47 -9.05
C SER A 222 -14.02 -24.91 -9.94
N ARG A 223 -14.42 -25.71 -10.91
CA ARG A 223 -15.44 -25.33 -11.88
C ARG A 223 -16.82 -25.29 -11.22
N GLU A 224 -17.01 -26.16 -10.23
CA GLU A 224 -18.27 -26.25 -9.51
C GLU A 224 -18.43 -24.97 -8.70
N LYS A 225 -17.35 -24.52 -8.07
CA LYS A 225 -17.37 -23.29 -7.31
C LYS A 225 -17.55 -22.04 -8.17
N LEU A 226 -16.96 -22.04 -9.37
CA LEU A 226 -17.23 -20.97 -10.34
C LEU A 226 -18.68 -20.99 -10.83
N ASP A 227 -19.28 -22.17 -10.93
CA ASP A 227 -20.70 -22.27 -11.27
C ASP A 227 -21.59 -21.58 -10.22
N ARG A 228 -21.37 -21.90 -8.94
CA ARG A 228 -22.08 -21.27 -7.84
C ARG A 228 -21.84 -19.74 -7.80
N ALA A 229 -20.58 -19.34 -7.99
CA ALA A 229 -20.21 -17.93 -8.07
C ALA A 229 -20.96 -17.21 -9.18
N PHE A 230 -21.08 -17.85 -10.34
CA PHE A 230 -21.86 -17.28 -11.43
C PHE A 230 -23.28 -17.00 -10.96
N ALA A 231 -23.86 -17.95 -10.20
CA ALA A 231 -25.23 -17.84 -9.65
C ALA A 231 -25.43 -16.70 -8.64
N LEU A 232 -24.38 -16.34 -7.90
CA LEU A 232 -24.44 -15.17 -7.01
C LEU A 232 -24.34 -13.85 -7.76
N GLY A 233 -23.96 -13.92 -9.03
CA GLY A 233 -23.91 -12.73 -9.87
C GLY A 233 -22.51 -12.30 -10.28
N ALA A 234 -21.51 -13.16 -10.09
CA ALA A 234 -20.15 -12.90 -10.59
C ALA A 234 -20.24 -12.65 -12.09
N ASP A 235 -19.52 -11.65 -12.59
CA ASP A 235 -19.54 -11.34 -14.02
C ASP A 235 -18.68 -12.30 -14.84
N HIS A 236 -17.62 -12.83 -14.21
CA HIS A 236 -16.68 -13.73 -14.87
C HIS A 236 -16.02 -14.59 -13.84
N GLY A 237 -15.78 -15.84 -14.23
CA GLY A 237 -15.01 -16.79 -13.43
C GLY A 237 -13.76 -17.25 -14.17
N ILE A 238 -12.63 -17.27 -13.49
CA ILE A 238 -11.42 -17.78 -14.09
C ILE A 238 -10.98 -19.01 -13.32
N ASN A 239 -10.88 -20.13 -14.04
CA ASN A 239 -10.25 -21.31 -13.47
C ASN A 239 -8.76 -21.22 -13.66
N ARG A 240 -8.04 -21.01 -12.55
CA ARG A 240 -6.63 -20.67 -12.65
C ARG A 240 -5.68 -21.85 -12.78
N LEU A 241 -6.20 -23.06 -12.64
CA LEU A 241 -5.46 -24.29 -13.00
C LEU A 241 -5.65 -24.63 -14.48
N GLU A 242 -6.59 -23.95 -15.15
CA GLU A 242 -6.89 -24.18 -16.56
C GLU A 242 -6.39 -23.04 -17.44
N GLU A 243 -6.28 -21.84 -16.90
CA GLU A 243 -5.74 -20.73 -17.70
C GLU A 243 -4.98 -19.73 -16.85
N ASP A 244 -4.27 -18.84 -17.52
CA ASP A 244 -3.49 -17.80 -16.88
C ASP A 244 -4.42 -16.67 -16.51
N TRP A 245 -4.67 -16.51 -15.22
CA TRP A 245 -5.71 -15.58 -14.78
C TRP A 245 -5.36 -14.13 -15.03
N VAL A 246 -4.08 -13.81 -14.88
CA VAL A 246 -3.60 -12.47 -15.10
C VAL A 246 -3.87 -12.09 -16.54
N GLU A 247 -3.58 -13.02 -17.46
CA GLU A 247 -3.76 -12.79 -18.88
C GLU A 247 -5.25 -12.62 -19.21
N ARG A 248 -6.09 -13.37 -18.50
CA ARG A 248 -7.53 -13.28 -18.66
C ARG A 248 -8.12 -11.97 -18.13
N VAL A 249 -7.62 -11.51 -16.99
CA VAL A 249 -7.98 -10.20 -16.45
C VAL A 249 -7.67 -9.12 -17.50
N TYR A 250 -6.47 -9.16 -18.06
CA TYR A 250 -6.18 -8.27 -19.19
C TYR A 250 -7.25 -8.34 -20.28
N ALA A 251 -7.66 -9.56 -20.68
CA ALA A 251 -8.58 -9.71 -21.81
C ALA A 251 -9.95 -9.13 -21.45
N LEU A 252 -10.37 -9.43 -20.23
CA LEU A 252 -11.62 -8.96 -19.66
C LEU A 252 -11.67 -7.45 -19.43
N THR A 253 -10.51 -6.80 -19.33
CA THR A 253 -10.47 -5.37 -19.02
C THR A 253 -9.98 -4.50 -20.16
N GLY A 254 -9.75 -5.10 -21.33
CA GLY A 254 -9.14 -4.39 -22.45
C GLY A 254 -7.79 -3.88 -22.05
N ASP A 255 -7.03 -4.73 -21.36
CA ASP A 255 -5.65 -4.47 -20.91
C ASP A 255 -5.48 -3.45 -19.78
N ARG A 256 -6.60 -2.96 -19.25
CA ARG A 256 -6.53 -1.89 -18.26
C ARG A 256 -6.11 -2.44 -16.91
N GLY A 257 -6.48 -3.69 -16.65
CA GLY A 257 -6.25 -4.30 -15.33
C GLY A 257 -7.36 -4.05 -14.33
N ALA A 258 -7.28 -4.76 -13.20
CA ALA A 258 -8.30 -4.63 -12.15
C ALA A 258 -8.10 -3.39 -11.29
N ASP A 259 -9.18 -2.63 -11.09
CA ASP A 259 -9.21 -1.54 -10.12
C ASP A 259 -8.98 -1.98 -8.64
N HIS A 260 -9.56 -3.11 -8.25
CA HIS A 260 -9.33 -3.63 -6.91
C HIS A 260 -9.15 -5.11 -6.91
N ILE A 261 -8.16 -5.60 -6.17
CA ILE A 261 -7.95 -7.02 -6.06
C ILE A 261 -7.99 -7.46 -4.60
N LEU A 262 -8.96 -8.29 -4.27
CA LEU A 262 -8.97 -8.95 -2.97
C LEU A 262 -7.99 -10.11 -3.03
N GLU A 263 -6.82 -9.85 -2.50
CA GLU A 263 -5.78 -10.84 -2.50
C GLU A 263 -5.84 -11.55 -1.20
N ILE A 264 -6.37 -12.76 -1.27
CA ILE A 264 -6.61 -13.61 -0.12
C ILE A 264 -5.71 -14.81 -0.14
N ALA A 265 -5.19 -15.19 1.01
CA ALA A 265 -4.22 -16.28 1.07
C ALA A 265 -2.87 -15.95 0.42
N GLY A 266 -2.78 -14.84 -0.30
CA GLY A 266 -1.53 -14.44 -0.92
C GLY A 266 -0.65 -15.61 -1.33
N GLY A 267 -1.27 -16.74 -1.65
CA GLY A 267 -0.57 -17.90 -2.14
C GLY A 267 -0.65 -17.92 -3.64
N ALA A 268 -1.80 -17.49 -4.15
CA ALA A 268 -1.96 -17.18 -5.56
C ALA A 268 -1.61 -15.71 -5.69
N GLY A 269 -0.53 -15.34 -5.03
CA GLY A 269 -0.28 -14.03 -4.45
C GLY A 269 0.10 -12.75 -5.15
N LEU A 270 0.99 -12.05 -4.49
CA LEU A 270 1.23 -10.62 -4.70
C LEU A 270 1.82 -10.28 -6.05
N GLY A 271 2.81 -11.05 -6.48
CA GLY A 271 3.50 -10.81 -7.74
C GLY A 271 2.55 -10.86 -8.91
N GLN A 272 1.62 -11.80 -8.84
CA GLN A 272 0.64 -12.01 -9.86
C GLN A 272 -0.38 -10.85 -9.84
N SER A 273 -0.79 -10.50 -8.62
CA SER A 273 -1.68 -9.38 -8.36
C SER A 273 -1.14 -8.04 -8.88
N LEU A 274 0.15 -7.83 -8.70
CA LEU A 274 0.81 -6.64 -9.19
C LEU A 274 0.80 -6.58 -10.73
N LYS A 275 0.85 -7.76 -11.36
CA LYS A 275 0.73 -7.78 -12.82
C LYS A 275 -0.67 -7.47 -13.29
N ALA A 276 -1.68 -7.93 -12.55
CA ALA A 276 -3.11 -7.69 -12.88
C ALA A 276 -3.71 -6.31 -12.57
N VAL A 277 -3.20 -5.65 -11.52
CA VAL A 277 -3.79 -4.41 -11.04
C VAL A 277 -3.59 -3.29 -12.05
N ALA A 278 -4.63 -2.47 -12.24
CA ALA A 278 -4.54 -1.24 -13.05
C ALA A 278 -3.54 -0.25 -12.48
N PRO A 279 -3.02 0.66 -13.32
CA PRO A 279 -2.32 1.82 -12.72
C PRO A 279 -3.19 2.58 -11.68
N ASP A 280 -2.55 2.98 -10.58
CA ASP A 280 -3.22 3.55 -9.41
C ASP A 280 -4.30 2.67 -8.75
N GLY A 281 -4.41 1.41 -9.16
CA GLY A 281 -5.41 0.50 -8.58
C GLY A 281 -5.08 0.11 -7.16
N ARG A 282 -5.87 -0.80 -6.60
CA ARG A 282 -5.67 -1.16 -5.20
C ARG A 282 -5.62 -2.67 -5.03
N ILE A 283 -4.79 -3.13 -4.10
CA ILE A 283 -4.65 -4.57 -3.78
C ILE A 283 -4.74 -4.74 -2.27
N SER A 284 -5.78 -5.44 -1.81
CA SER A 284 -5.98 -5.63 -0.39
C SER A 284 -5.49 -7.00 -0.02
N VAL A 285 -4.59 -7.07 0.95
CA VAL A 285 -4.08 -8.36 1.34
C VAL A 285 -4.69 -8.83 2.67
N ILE A 286 -5.40 -9.93 2.56
CA ILE A 286 -6.27 -10.43 3.57
C ILE A 286 -5.79 -11.86 3.87
N GLY A 287 -5.72 -12.20 5.14
CA GLY A 287 -5.26 -13.54 5.53
C GLY A 287 -5.27 -13.60 7.03
N VAL A 288 -4.35 -14.39 7.59
CA VAL A 288 -4.14 -14.42 9.04
C VAL A 288 -2.74 -14.99 9.27
N LEU A 289 -2.30 -15.81 8.30
CA LEU A 289 -1.04 -16.55 8.34
C LEU A 289 0.09 -15.84 9.10
N GLU A 290 0.56 -16.51 10.16
CA GLU A 290 1.54 -15.98 11.11
C GLU A 290 2.89 -15.57 10.47
N GLY A 291 3.52 -16.50 9.74
CA GLY A 291 4.82 -16.25 9.13
C GLY A 291 4.91 -16.59 7.66
N PHE A 292 3.87 -16.26 6.90
CA PHE A 292 3.89 -16.41 5.45
C PHE A 292 4.73 -15.29 4.82
N GLU A 293 5.33 -15.58 3.66
CA GLU A 293 6.19 -14.63 2.98
C GLU A 293 5.55 -14.15 1.67
N VAL A 294 5.37 -12.83 1.55
CA VAL A 294 4.84 -12.22 0.33
C VAL A 294 5.94 -11.76 -0.64
N SER A 295 5.87 -12.25 -1.88
CA SER A 295 6.84 -11.92 -2.91
C SER A 295 6.19 -11.15 -4.05
N GLY A 296 6.92 -10.19 -4.60
CA GLY A 296 6.43 -9.41 -5.75
C GLY A 296 7.54 -8.76 -6.56
N PRO A 297 7.33 -8.60 -7.88
CA PRO A 297 8.34 -7.88 -8.65
C PRO A 297 8.17 -6.36 -8.50
N VAL A 298 9.28 -5.69 -8.22
CA VAL A 298 9.28 -4.24 -7.98
C VAL A 298 9.21 -3.47 -9.32
N GLY A 299 8.50 -4.03 -10.29
CA GLY A 299 8.38 -3.39 -11.59
C GLY A 299 7.05 -2.69 -11.68
N PRO A 300 5.96 -3.49 -11.65
CA PRO A 300 4.58 -2.98 -11.59
C PRO A 300 4.38 -2.12 -10.36
N LEU A 301 4.97 -2.55 -9.24
CA LEU A 301 4.86 -1.88 -7.96
C LEU A 301 5.28 -0.43 -8.05
N LEU A 302 6.42 -0.21 -8.72
CA LEU A 302 6.90 1.12 -8.96
C LEU A 302 6.16 1.80 -10.09
N LEU A 303 5.94 1.09 -11.20
CA LEU A 303 5.47 1.74 -12.44
C LEU A 303 3.96 2.01 -12.52
N LYS A 304 3.16 1.10 -11.96
CA LYS A 304 1.70 1.32 -11.87
C LYS A 304 1.30 2.03 -10.57
N SER A 305 2.22 2.05 -9.59
CA SER A 305 2.06 2.81 -8.32
C SER A 305 0.74 2.48 -7.59
N PRO A 306 0.39 1.19 -7.52
CA PRO A 306 -0.83 0.82 -6.79
C PRO A 306 -0.68 1.10 -5.32
N VAL A 307 -1.79 1.04 -4.62
CA VAL A 307 -1.70 0.95 -3.16
C VAL A 307 -1.74 -0.54 -2.81
N VAL A 308 -0.78 -0.99 -2.04
CA VAL A 308 -0.91 -2.32 -1.46
C VAL A 308 -1.26 -2.13 0.00
N GLN A 309 -2.40 -2.66 0.41
CA GLN A 309 -2.90 -2.37 1.74
C GLN A 309 -3.22 -3.62 2.58
N GLY A 310 -2.58 -3.74 3.74
CA GLY A 310 -2.92 -4.79 4.69
C GLY A 310 -4.31 -4.52 5.26
N ILE A 311 -5.12 -5.56 5.33
CA ILE A 311 -6.44 -5.39 5.89
C ILE A 311 -6.75 -6.48 6.90
N SER A 312 -6.95 -6.15 8.18
CA SER A 312 -7.72 -7.13 8.95
C SER A 312 -8.91 -6.55 9.69
N VAL A 313 -10.06 -7.08 9.31
CA VAL A 313 -11.34 -6.72 9.89
C VAL A 313 -11.51 -5.18 9.89
N GLY A 314 -12.14 -4.62 10.91
CA GLY A 314 -12.51 -3.22 10.88
C GLY A 314 -13.00 -2.87 12.26
N HIS A 315 -13.52 -1.65 12.39
CA HIS A 315 -13.96 -1.17 13.67
C HIS A 315 -15.46 -1.19 13.70
N ARG A 316 -16.02 -0.96 14.88
CA ARG A 316 -17.43 -1.18 15.03
C ARG A 316 -18.32 -0.10 14.39
N ARG A 317 -17.79 1.10 14.19
CA ARG A 317 -18.56 2.03 13.38
C ARG A 317 -18.65 1.47 11.95
N ALA A 318 -17.59 0.78 11.50
CA ALA A 318 -17.63 0.19 10.16
C ALA A 318 -18.61 -0.96 10.13
N LEU A 319 -18.61 -1.76 11.20
CA LEU A 319 -19.63 -2.78 11.37
C LEU A 319 -21.03 -2.21 11.33
N GLU A 320 -21.29 -1.12 12.05
CA GLU A 320 -22.65 -0.62 12.04
C GLU A 320 -23.08 -0.07 10.67
N ASP A 321 -22.13 0.38 9.89
CA ASP A 321 -22.39 0.85 8.53
C ASP A 321 -22.81 -0.33 7.66
N LEU A 322 -22.08 -1.43 7.84
CA LEU A 322 -22.30 -2.63 7.08
C LEU A 322 -23.70 -3.14 7.34
N VAL A 323 -24.04 -3.29 8.63
CA VAL A 323 -25.36 -3.76 9.08
C VAL A 323 -26.50 -2.98 8.43
N GLY A 324 -26.35 -1.66 8.35
CA GLY A 324 -27.37 -0.82 7.75
C GLY A 324 -27.46 -1.11 6.27
N ALA A 325 -26.30 -1.08 5.60
CA ALA A 325 -26.20 -1.50 4.20
C ALA A 325 -26.81 -2.88 3.92
N VAL A 326 -26.44 -3.87 4.73
CA VAL A 326 -27.05 -5.19 4.60
C VAL A 326 -28.58 -5.07 4.56
N ASP A 327 -29.15 -4.41 5.54
CA ASP A 327 -30.60 -4.24 5.63
C ASP A 327 -31.18 -3.51 4.46
N ARG A 328 -30.55 -2.41 4.05
CA ARG A 328 -31.08 -1.62 2.93
C ARG A 328 -30.92 -2.28 1.54
N LEU A 329 -29.96 -3.19 1.41
CA LEU A 329 -29.73 -3.90 0.14
C LEU A 329 -30.40 -5.26 0.04
N GLY A 330 -30.82 -5.82 1.16
CA GLY A 330 -31.33 -7.18 1.18
C GLY A 330 -30.24 -8.19 0.87
N LEU A 331 -29.03 -7.95 1.35
CA LEU A 331 -27.90 -8.84 1.13
C LEU A 331 -28.03 -10.11 1.97
N LYS A 332 -27.83 -11.28 1.33
CA LYS A 332 -27.93 -12.56 1.99
C LYS A 332 -26.58 -13.33 2.08
N PRO A 333 -25.99 -13.38 3.28
CA PRO A 333 -24.72 -14.04 3.40
C PRO A 333 -24.74 -15.48 2.91
N VAL A 334 -23.65 -15.88 2.25
CA VAL A 334 -23.53 -17.24 1.75
C VAL A 334 -23.06 -18.12 2.89
N ILE A 335 -23.85 -19.15 3.18
CA ILE A 335 -23.55 -20.11 4.22
C ILE A 335 -23.43 -21.45 3.56
N ASP A 336 -22.25 -22.06 3.68
CA ASP A 336 -22.06 -23.38 3.11
C ASP A 336 -22.93 -24.41 3.83
N ARG A 338 -25.00 -25.08 7.90
CA ARG A 338 -25.28 -24.83 9.30
C ARG A 338 -25.10 -26.15 10.04
N TYR A 339 -24.48 -26.10 11.22
CA TYR A 339 -24.22 -27.29 12.03
C TYR A 339 -24.86 -27.16 13.40
N LYS A 340 -25.46 -28.25 13.90
CA LYS A 340 -26.05 -28.21 15.24
C LYS A 340 -24.95 -28.00 16.26
N PHE A 341 -25.30 -27.47 17.44
CA PHE A 341 -24.31 -27.13 18.46
C PHE A 341 -23.36 -28.29 18.84
N THR A 342 -23.92 -29.49 18.94
CA THR A 342 -23.14 -30.66 19.35
C THR A 342 -22.21 -31.16 18.24
N GLU A 343 -22.35 -30.59 17.05
CA GLU A 343 -21.53 -30.94 15.89
C GLU A 343 -20.48 -29.89 15.50
N VAL A 344 -19.84 -29.32 16.51
CA VAL A 344 -18.69 -28.42 16.35
C VAL A 344 -17.42 -29.15 15.82
N PRO A 345 -17.14 -30.40 16.30
CA PRO A 345 -15.98 -31.10 15.71
C PRO A 345 -16.09 -31.23 14.18
N GLU A 346 -17.31 -31.47 13.68
CA GLU A 346 -17.54 -31.67 12.25
C GLU A 346 -17.47 -30.31 11.56
N ALA A 347 -17.81 -29.26 12.29
CA ALA A 347 -17.88 -27.93 11.72
C ALA A 347 -16.49 -27.40 11.49
N LEU A 348 -15.60 -27.69 12.44
CA LEU A 348 -14.19 -27.34 12.32
C LEU A 348 -13.48 -28.12 11.21
N ALA A 349 -13.90 -29.37 10.99
CA ALA A 349 -13.37 -30.20 9.93
C ALA A 349 -13.74 -29.64 8.56
N HIS A 350 -14.98 -29.18 8.43
CA HIS A 350 -15.47 -28.59 7.19
C HIS A 350 -14.63 -27.37 6.89
N LEU A 351 -13.95 -26.87 7.92
CA LEU A 351 -13.19 -25.65 7.82
C LEU A 351 -11.92 -25.91 7.01
N ASP A 352 -11.22 -27.01 7.29
CA ASP A 352 -10.07 -27.34 6.42
C ASP A 352 -10.41 -27.94 5.04
N ARG A 353 -11.69 -28.02 4.69
CA ARG A 353 -12.07 -28.57 3.38
C ARG A 353 -12.41 -27.50 2.35
N GLY A 354 -12.17 -26.23 2.69
CA GLY A 354 -12.43 -25.11 1.79
C GLY A 354 -13.91 -24.91 1.52
N PRO A 355 -14.61 -24.22 2.43
CA PRO A 355 -16.04 -24.06 2.19
C PRO A 355 -16.40 -22.94 1.21
N PHE A 356 -17.50 -23.13 0.47
CA PHE A 356 -18.09 -22.05 -0.33
C PHE A 356 -18.93 -21.14 0.61
N GLY A 357 -18.33 -20.03 1.02
CA GLY A 357 -18.97 -19.13 1.98
C GLY A 357 -18.73 -19.53 3.42
N LYS A 358 -19.75 -19.40 4.27
CA LYS A 358 -19.51 -19.50 5.70
C LYS A 358 -19.92 -20.83 6.32
N VAL A 359 -19.18 -21.20 7.35
CA VAL A 359 -19.61 -22.30 8.19
C VAL A 359 -20.19 -21.75 9.47
N VAL A 360 -21.45 -22.11 9.73
CA VAL A 360 -22.24 -21.55 10.82
C VAL A 360 -22.75 -22.64 11.77
N ILE A 361 -22.65 -22.35 13.06
CA ILE A 361 -23.21 -23.21 14.07
C ILE A 361 -24.50 -22.57 14.56
N GLU A 362 -25.59 -23.35 14.54
CA GLU A 362 -26.89 -22.94 15.11
C GLU A 362 -27.10 -23.52 16.48
N PHE A 363 -27.60 -22.67 17.38
CA PHE A 363 -28.03 -23.11 18.70
C PHE A 363 -29.55 -23.37 18.71
N SER B 25 23.33 29.95 -32.51
CA SER B 25 24.31 28.99 -33.04
C SER B 25 23.69 28.02 -34.05
N LYS B 26 24.51 27.52 -34.97
CA LYS B 26 24.04 26.49 -35.88
C LYS B 26 24.32 25.07 -35.37
N TRP B 27 25.30 24.92 -34.49
CA TRP B 27 25.75 23.60 -34.04
C TRP B 27 25.77 23.51 -32.54
N GLN B 29 26.69 20.57 -29.15
CA GLN B 29 27.32 19.30 -28.74
C GLN B 29 26.43 18.51 -27.77
N GLU B 30 26.68 17.21 -27.69
CA GLU B 30 25.95 16.34 -26.79
C GLU B 30 26.71 15.09 -26.50
N TRP B 31 26.42 14.48 -25.36
CA TRP B 31 26.94 13.17 -25.10
C TRP B 31 25.91 12.21 -25.60
N SER B 32 26.27 11.44 -26.62
CA SER B 32 25.39 10.38 -27.13
C SER B 32 26.11 9.05 -27.34
N THR B 33 25.32 8.04 -27.61
CA THR B 33 25.86 6.71 -27.84
C THR B 33 25.06 6.07 -28.97
N GLU B 34 25.76 5.31 -29.79
CA GLU B 34 25.14 4.62 -30.92
C GLU B 34 24.59 3.25 -30.49
N THR B 35 24.99 2.79 -29.30
CA THR B 35 24.51 1.52 -28.75
C THR B 35 24.37 1.57 -27.24
N VAL B 36 23.57 0.63 -26.72
CA VAL B 36 23.51 0.35 -25.28
C VAL B 36 23.93 -1.08 -25.00
N ALA B 37 24.18 -1.36 -23.72
CA ALA B 37 24.50 -2.70 -23.23
C ALA B 37 25.66 -3.37 -23.98
N PRO B 38 26.88 -2.82 -23.83
CA PRO B 38 27.19 -1.61 -23.07
C PRO B 38 27.13 -0.37 -23.95
N HIS B 39 27.33 0.79 -23.35
CA HIS B 39 27.29 2.04 -24.07
C HIS B 39 28.65 2.39 -24.60
N ASP B 40 28.64 3.23 -25.63
CA ASP B 40 29.86 3.90 -26.08
C ASP B 40 29.57 5.40 -26.15
N LEU B 41 29.35 5.99 -24.99
CA LEU B 41 29.02 7.40 -24.87
C LEU B 41 30.24 8.27 -25.17
N LYS B 42 30.15 9.02 -26.26
CA LYS B 42 31.18 9.99 -26.64
C LYS B 42 30.54 11.35 -26.90
N LEU B 43 31.39 12.37 -27.03
CA LEU B 43 30.96 13.70 -27.50
C LEU B 43 30.57 13.66 -28.98
N ALA B 44 29.55 14.41 -29.36
CA ALA B 44 29.11 14.51 -30.76
C ALA B 44 28.52 15.90 -31.01
N GLU B 45 28.58 16.37 -32.25
CA GLU B 45 28.12 17.72 -32.58
C GLU B 45 27.15 17.64 -33.74
N ARG B 46 25.92 18.09 -33.54
CA ARG B 46 24.95 18.05 -34.63
C ARG B 46 24.24 19.39 -34.73
N PRO B 47 23.41 19.58 -35.77
CA PRO B 47 22.65 20.84 -35.87
C PRO B 47 21.71 21.03 -34.70
N VAL B 48 21.55 22.30 -34.31
CA VAL B 48 20.49 22.71 -33.40
C VAL B 48 19.19 22.38 -34.11
N PRO B 49 18.34 21.52 -33.49
CA PRO B 49 17.13 21.13 -34.20
C PRO B 49 16.16 22.30 -34.36
N GLU B 50 15.26 22.12 -35.32
CA GLU B 50 14.17 23.04 -35.64
C GLU B 50 13.12 23.00 -34.53
N ALA B 51 12.59 24.16 -34.17
CA ALA B 51 11.47 24.20 -33.23
C ALA B 51 10.17 24.20 -34.00
N GLY B 52 9.25 23.32 -33.60
CA GLY B 52 7.90 23.32 -34.13
C GLY B 52 7.11 24.47 -33.50
N GLU B 53 5.83 24.53 -33.82
CA GLU B 53 4.96 25.61 -33.33
C GLU B 53 4.85 25.70 -31.82
N HIS B 54 4.90 24.54 -31.16
CA HIS B 54 4.73 24.45 -29.72
C HIS B 54 6.01 24.02 -29.04
N ASP B 55 7.11 24.02 -29.80
CA ASP B 55 8.42 23.69 -29.25
C ASP B 55 9.09 24.96 -28.72
N ILE B 56 9.90 24.80 -27.68
CA ILE B 56 10.75 25.88 -27.20
C ILE B 56 12.19 25.38 -27.30
N ILE B 57 13.13 26.31 -27.50
CA ILE B 57 14.56 25.99 -27.54
C ILE B 57 15.15 26.52 -26.25
N VAL B 58 15.85 25.65 -25.52
CA VAL B 58 16.33 25.97 -24.19
C VAL B 58 17.84 25.80 -24.17
N ARG B 59 18.57 26.83 -23.77
CA ARG B 59 20.01 26.67 -23.56
C ARG B 59 20.22 26.03 -22.22
N THR B 60 20.82 24.85 -22.21
CA THR B 60 21.06 24.09 -21.01
C THR B 60 22.08 24.76 -20.11
N LEU B 61 21.73 24.90 -18.84
CA LEU B 61 22.66 25.45 -17.88
C LEU B 61 23.18 24.39 -16.92
N ALA B 62 22.35 23.38 -16.65
CA ALA B 62 22.75 22.28 -15.77
C ALA B 62 21.93 21.03 -16.00
N VAL B 63 22.52 19.88 -15.70
CA VAL B 63 21.85 18.60 -15.75
C VAL B 63 22.15 17.81 -14.47
N SER B 64 21.11 17.27 -13.85
CA SER B 64 21.28 16.35 -12.75
C SER B 64 21.21 14.97 -13.28
N LEU B 65 22.13 14.15 -12.80
CA LEU B 65 22.19 12.77 -13.18
C LEU B 65 21.36 11.99 -12.20
N ASN B 66 20.64 10.98 -12.69
CA ASN B 66 19.94 10.03 -11.84
C ASN B 66 20.49 8.64 -12.05
N TYR B 67 20.43 7.81 -11.00
CA TYR B 67 20.96 6.45 -11.08
C TYR B 67 20.46 5.65 -12.28
N ARG B 68 19.25 5.96 -12.75
CA ARG B 68 18.66 5.24 -13.88
C ARG B 68 19.37 5.56 -15.19
N ASP B 69 19.96 6.74 -15.26
CA ASP B 69 20.77 7.12 -16.40
C ASP B 69 21.88 6.08 -16.61
N LYS B 70 22.55 5.67 -15.53
CA LYS B 70 23.57 4.63 -15.59
C LYS B 70 23.00 3.34 -16.17
N LEU B 71 21.87 2.88 -15.62
CA LEU B 71 21.25 1.60 -16.00
C LEU B 71 20.74 1.59 -17.43
N VAL B 72 20.16 2.71 -17.85
CA VAL B 72 19.68 2.86 -19.23
C VAL B 72 20.84 2.67 -20.19
N LEU B 73 21.99 3.27 -19.87
CA LEU B 73 23.19 3.14 -20.68
C LEU B 73 23.78 1.72 -20.67
N GLU B 74 23.80 1.08 -19.51
CA GLU B 74 24.46 -0.21 -19.36
C GLU B 74 23.60 -1.40 -19.73
N THR B 75 22.32 -1.36 -19.37
CA THR B 75 21.37 -2.46 -19.63
C THR B 75 20.26 -2.15 -20.67
N GLY B 76 20.02 -0.88 -20.98
CA GLY B 76 18.94 -0.49 -21.91
C GLY B 76 17.54 -0.49 -21.31
N GLY B 78 15.01 -2.53 -21.13
CA GLY B 78 13.91 -2.90 -22.03
C GLY B 78 13.24 -1.75 -22.75
N LEU B 79 14.00 -0.70 -23.06
CA LEU B 79 13.42 0.49 -23.68
C LEU B 79 13.66 0.54 -25.19
N ASP B 80 12.77 1.24 -25.90
CA ASP B 80 12.90 1.45 -27.33
C ASP B 80 13.57 2.80 -27.61
N LEU B 81 14.90 2.79 -27.59
CA LEU B 81 15.67 4.03 -27.67
C LEU B 81 15.97 4.36 -29.12
N ALA B 82 15.76 5.61 -29.49
CA ALA B 82 16.18 6.13 -30.79
C ALA B 82 17.67 6.42 -30.72
N PHE B 83 18.42 6.00 -31.73
CA PHE B 83 19.87 6.18 -31.77
C PHE B 83 20.28 7.14 -32.89
N PRO B 84 21.28 8.01 -32.64
CA PRO B 84 22.06 8.24 -31.42
C PRO B 84 21.20 8.70 -30.24
N PHE B 85 21.44 8.11 -29.08
CA PHE B 85 20.66 8.34 -27.87
C PHE B 85 21.44 9.21 -26.88
N VAL B 86 20.81 10.26 -26.37
CA VAL B 86 21.40 11.12 -25.36
C VAL B 86 20.78 10.79 -24.00
N PRO B 87 21.62 10.53 -22.97
CA PRO B 87 21.04 10.23 -21.66
C PRO B 87 20.58 11.46 -20.87
N ALA B 88 20.00 11.19 -19.68
CA ALA B 88 19.65 12.19 -18.66
C ALA B 88 18.29 12.82 -18.92
N SER B 89 17.57 13.11 -17.83
CA SER B 89 16.22 13.66 -17.92
C SER B 89 16.05 15.02 -17.23
N ASP B 90 16.95 15.32 -16.30
CA ASP B 90 16.75 16.46 -15.37
C ASP B 90 17.64 17.63 -15.69
N SER B 92 17.94 22.21 -16.02
CA SER B 92 17.34 23.55 -16.12
C SER B 92 18.10 24.40 -17.13
N GLY B 93 17.50 25.52 -17.54
CA GLY B 93 18.14 26.39 -18.52
C GLY B 93 17.35 27.65 -18.85
N VAL B 94 17.82 28.38 -19.85
CA VAL B 94 17.16 29.61 -20.26
C VAL B 94 16.51 29.36 -21.61
N VAL B 95 15.25 29.78 -21.75
CA VAL B 95 14.58 29.68 -23.03
C VAL B 95 15.25 30.64 -24.01
N GLU B 96 15.56 30.16 -25.21
CA GLU B 96 16.22 30.96 -26.23
C GLU B 96 15.24 31.39 -27.30
N ALA B 97 14.40 30.45 -27.72
CA ALA B 97 13.41 30.73 -28.75
C ALA B 97 12.18 29.86 -28.54
N VAL B 98 11.04 30.37 -28.97
CA VAL B 98 9.80 29.64 -28.85
C VAL B 98 9.17 29.56 -30.23
N GLY B 99 8.35 28.53 -30.48
CA GLY B 99 7.59 28.44 -31.72
C GLY B 99 6.43 29.45 -31.76
N LYS B 100 5.87 29.63 -32.97
CA LYS B 100 4.78 30.58 -33.23
C LYS B 100 3.63 30.56 -32.21
N SER B 101 3.28 29.37 -31.73
CA SER B 101 2.06 29.20 -30.94
C SER B 101 2.31 29.06 -29.43
N VAL B 102 3.57 28.93 -29.04
CA VAL B 102 3.98 28.72 -27.64
C VAL B 102 3.47 29.83 -26.72
N THR B 103 2.89 29.43 -25.59
CA THR B 103 2.37 30.38 -24.63
C THR B 103 2.94 30.21 -23.21
N ARG B 104 3.47 29.03 -22.87
CA ARG B 104 3.89 28.78 -21.48
C ARG B 104 5.09 29.62 -21.04
N PHE B 105 5.99 29.90 -21.98
CA PHE B 105 7.24 30.57 -21.70
C PHE B 105 7.61 31.56 -22.80
N ARG B 106 8.33 32.60 -22.42
CA ARG B 106 8.84 33.59 -23.37
C ARG B 106 10.36 33.46 -23.40
N PRO B 107 11.03 34.04 -24.42
CA PRO B 107 12.49 33.97 -24.37
C PRO B 107 13.03 34.58 -23.09
N GLY B 108 14.16 34.07 -22.61
CA GLY B 108 14.71 34.55 -21.36
C GLY B 108 14.12 33.93 -20.10
N ASP B 109 13.02 33.18 -20.21
CA ASP B 109 12.42 32.54 -19.03
C ASP B 109 13.29 31.38 -18.53
N ARG B 110 13.27 31.14 -17.22
CA ARG B 110 14.05 30.04 -16.67
C ARG B 110 13.16 28.86 -16.38
N VAL B 111 13.60 27.67 -16.80
CA VAL B 111 12.75 26.48 -16.78
C VAL B 111 13.47 25.23 -16.31
N ILE B 112 12.69 24.18 -16.00
CA ILE B 112 13.24 22.85 -15.74
C ILE B 112 12.45 21.79 -16.50
N SER B 113 13.12 20.71 -16.89
CA SER B 113 12.43 19.62 -17.57
C SER B 113 11.44 18.88 -16.64
N THR B 114 10.44 18.24 -17.24
CA THR B 114 9.51 17.35 -16.55
C THR B 114 9.90 15.92 -16.87
N PHE B 115 10.17 15.14 -15.84
CA PHE B 115 10.65 13.79 -15.99
C PHE B 115 9.74 12.87 -16.83
N ALA B 116 8.44 12.88 -16.56
CA ALA B 116 7.48 12.07 -17.34
C ALA B 116 6.59 13.03 -18.10
N PRO B 117 6.98 13.37 -19.34
CA PRO B 117 6.25 14.41 -20.07
C PRO B 117 4.83 13.96 -20.35
N GLY B 118 3.90 14.90 -20.31
CA GLY B 118 2.49 14.53 -20.50
C GLY B 118 1.83 13.76 -19.34
N TRP B 119 2.50 13.60 -18.23
CA TRP B 119 1.77 13.32 -16.97
C TRP B 119 1.61 14.62 -16.26
N LEU B 120 0.44 15.22 -16.45
CA LEU B 120 0.17 16.60 -16.10
C LEU B 120 -0.38 16.68 -14.69
N ASP B 121 -1.24 15.71 -14.32
CA ASP B 121 -1.90 15.65 -13.03
C ASP B 121 -2.67 14.33 -12.91
N GLY B 122 -3.15 14.01 -11.72
CA GLY B 122 -4.12 12.94 -11.57
C GLY B 122 -3.65 11.58 -12.02
N LEU B 123 -4.56 10.80 -12.59
CA LEU B 123 -4.31 9.40 -12.94
C LEU B 123 -2.99 9.26 -13.68
N ARG B 124 -2.20 8.28 -13.26
CA ARG B 124 -0.94 8.04 -13.92
C ARG B 124 -1.17 7.30 -15.24
N PRO B 125 -0.38 7.65 -16.29
CA PRO B 125 -0.55 6.94 -17.56
C PRO B 125 -0.12 5.46 -17.49
N GLY B 126 -0.47 4.68 -18.50
CA GLY B 126 -0.02 3.29 -18.59
C GLY B 126 -1.17 2.31 -18.58
N THR B 127 -0.87 1.03 -18.71
CA THR B 127 -1.93 0.02 -18.68
C THR B 127 -1.55 -1.10 -17.72
N GLY B 128 -2.48 -2.03 -17.50
CA GLY B 128 -2.21 -3.20 -16.66
C GLY B 128 -1.07 -4.02 -17.21
N ARG B 129 -1.18 -4.35 -18.50
CA ARG B 129 -0.16 -5.10 -19.20
C ARG B 129 1.11 -4.28 -19.37
N THR B 130 0.97 -3.01 -19.71
CA THR B 130 2.11 -2.17 -20.06
C THR B 130 2.27 -0.97 -19.14
N PRO B 131 2.81 -1.20 -17.93
CA PRO B 131 2.82 -0.15 -16.93
C PRO B 131 3.67 1.03 -17.33
N ALA B 132 4.79 0.73 -18.00
CA ALA B 132 5.85 1.71 -18.19
C ALA B 132 5.27 2.99 -18.72
N TYR B 133 5.77 4.11 -18.24
CA TYR B 133 5.49 5.30 -18.97
C TYR B 133 6.74 5.83 -19.69
N GLU B 134 6.53 6.87 -20.47
CA GLU B 134 7.57 7.45 -21.27
C GLU B 134 8.25 8.52 -20.45
N THR B 135 9.58 8.49 -20.42
CA THR B 135 10.31 9.52 -19.73
C THR B 135 11.37 10.15 -20.65
N LEU B 136 11.86 11.33 -20.25
CA LEU B 136 13.05 11.90 -20.88
C LEU B 136 14.26 11.03 -20.56
N GLY B 137 15.22 11.02 -21.44
CA GLY B 137 16.39 10.16 -21.26
C GLY B 137 16.01 8.69 -21.24
N GLY B 138 15.11 8.32 -22.14
CA GLY B 138 14.57 6.95 -22.19
C GLY B 138 13.75 6.80 -23.45
N ALA B 139 12.46 6.54 -23.29
CA ALA B 139 11.57 6.52 -24.45
C ALA B 139 11.61 7.82 -25.25
N HIS B 140 11.92 8.94 -24.58
CA HIS B 140 12.12 10.26 -25.23
C HIS B 140 13.58 10.68 -25.11
N PRO B 141 14.04 11.60 -25.99
CA PRO B 141 15.45 12.03 -25.99
C PRO B 141 15.94 12.59 -24.66
N GLY B 142 17.24 12.46 -24.41
CA GLY B 142 17.87 12.97 -23.20
C GLY B 142 18.10 14.47 -23.23
N VAL B 143 18.68 15.01 -22.16
CA VAL B 143 18.82 16.45 -22.03
C VAL B 143 20.29 16.86 -21.89
N LEU B 144 21.17 15.86 -21.95
CA LEU B 144 22.59 16.06 -21.71
C LEU B 144 23.28 16.61 -22.97
N SER B 145 22.79 17.77 -23.41
CA SER B 145 23.24 18.42 -24.61
C SER B 145 23.27 19.93 -24.33
N GLU B 146 23.81 20.71 -25.27
CA GLU B 146 23.99 22.16 -25.08
C GLU B 146 22.69 23.00 -25.23
N TYR B 147 21.78 22.49 -26.06
CA TYR B 147 20.43 23.04 -26.18
C TYR B 147 19.45 21.86 -26.17
N VAL B 148 18.25 22.08 -25.68
CA VAL B 148 17.19 21.06 -25.71
C VAL B 148 16.07 21.66 -26.55
N VAL B 149 15.40 20.84 -27.34
CA VAL B 149 14.31 21.35 -28.16
C VAL B 149 13.12 20.41 -27.99
N LEU B 150 12.15 20.84 -27.20
CA LEU B 150 11.03 19.99 -26.79
C LEU B 150 9.74 20.80 -26.67
N PRO B 151 8.56 20.11 -26.63
CA PRO B 151 7.25 20.75 -26.41
C PRO B 151 7.22 21.62 -25.15
N GLU B 152 6.58 22.78 -25.26
CA GLU B 152 6.43 23.70 -24.14
C GLU B 152 5.87 23.00 -22.89
N GLY B 153 4.99 22.04 -23.10
CA GLY B 153 4.35 21.31 -22.02
C GLY B 153 5.30 20.44 -21.20
N TRP B 154 6.54 20.29 -21.62
CA TRP B 154 7.54 19.43 -20.95
C TRP B 154 8.51 20.19 -20.07
N PHE B 155 8.17 21.46 -19.87
CA PHE B 155 8.87 22.34 -18.95
C PHE B 155 7.94 23.01 -17.94
N VAL B 156 8.49 23.39 -16.77
CA VAL B 156 7.80 24.28 -15.84
C VAL B 156 8.78 25.39 -15.49
N ALA B 157 8.27 26.49 -14.94
CA ALA B 157 9.10 27.62 -14.53
C ALA B 157 10.03 27.16 -13.44
N ALA B 158 11.29 27.56 -13.58
CA ALA B 158 12.26 27.28 -12.56
C ALA B 158 11.96 28.02 -11.24
N PRO B 159 12.43 27.46 -10.13
CA PRO B 159 12.40 28.18 -8.86
C PRO B 159 13.10 29.53 -8.98
N LYS B 160 12.59 30.58 -8.35
CA LYS B 160 13.28 31.87 -8.35
C LYS B 160 14.44 31.94 -7.37
N SER B 161 14.47 31.04 -6.39
CA SER B 161 15.40 31.14 -5.26
C SER B 161 16.69 30.35 -5.46
N LEU B 162 16.83 29.72 -6.62
CA LEU B 162 17.90 28.74 -6.84
C LEU B 162 18.71 29.02 -8.11
N ASP B 163 20.01 28.71 -8.09
CA ASP B 163 20.82 28.66 -9.31
C ASP B 163 20.39 27.43 -10.13
N ALA B 164 20.93 27.32 -11.35
CA ALA B 164 20.48 26.31 -12.32
C ALA B 164 20.89 24.93 -11.87
N ALA B 165 22.11 24.81 -11.34
CA ALA B 165 22.51 23.53 -10.78
C ALA B 165 21.44 23.01 -9.79
N GLU B 166 20.97 23.87 -8.87
CA GLU B 166 20.01 23.44 -7.84
C GLU B 166 18.63 23.13 -8.41
N ALA B 167 18.20 23.93 -9.39
CA ALA B 167 16.88 23.74 -10.01
C ALA B 167 16.84 22.39 -10.69
N SER B 168 17.98 22.01 -11.29
CA SER B 168 18.05 20.82 -12.10
C SER B 168 17.87 19.56 -11.26
N THR B 169 18.01 19.66 -9.94
CA THR B 169 17.87 18.48 -9.04
C THR B 169 16.43 18.04 -8.85
N LEU B 170 15.48 18.92 -9.16
CA LEU B 170 14.08 18.72 -8.79
C LEU B 170 13.21 17.76 -9.59
N PRO B 171 13.41 17.64 -10.93
CA PRO B 171 12.35 16.95 -11.67
C PRO B 171 12.26 15.45 -11.36
N CYS B 172 13.33 14.86 -10.85
CA CYS B 172 13.25 13.47 -10.49
C CYS B 172 13.36 13.26 -8.98
N ALA B 173 14.52 13.58 -8.40
CA ALA B 173 14.77 13.33 -6.97
C ALA B 173 13.86 14.20 -6.11
N GLY B 174 13.92 15.52 -6.31
CA GLY B 174 12.99 16.45 -5.66
C GLY B 174 11.59 15.90 -5.67
N LEU B 175 11.05 15.72 -6.88
CA LEU B 175 9.66 15.32 -7.10
C LEU B 175 9.28 13.93 -6.50
N THR B 176 10.15 12.95 -6.57
CA THR B 176 9.88 11.63 -5.92
C THR B 176 9.56 11.81 -4.44
N ALA B 177 10.44 12.46 -3.68
CA ALA B 177 10.22 12.70 -2.24
C ALA B 177 8.96 13.62 -1.98
N TRP B 178 8.83 14.68 -2.77
CA TRP B 178 7.64 15.51 -2.62
C TRP B 178 6.40 14.68 -2.87
N PHE B 179 6.45 13.82 -3.88
CA PHE B 179 5.27 13.03 -4.22
C PHE B 179 4.96 11.98 -3.17
N ALA B 180 5.98 11.34 -2.65
CA ALA B 180 5.76 10.26 -1.68
C ALA B 180 5.25 10.80 -0.35
N LEU B 181 5.78 11.93 0.11
CA LEU B 181 5.59 12.43 1.46
C LEU B 181 4.38 13.37 1.58
N VAL B 182 4.18 14.21 0.56
CA VAL B 182 3.19 15.27 0.66
C VAL B 182 2.00 14.87 -0.22
N GLU B 183 2.18 14.80 -1.54
CA GLU B 183 1.04 14.50 -2.41
C GLU B 183 0.24 13.26 -2.00
N LYS B 184 0.90 12.11 -1.94
CA LYS B 184 0.22 10.90 -1.60
C LYS B 184 0.26 10.72 -0.09
N GLY B 185 1.22 11.36 0.59
CA GLY B 185 1.56 10.94 1.98
C GLY B 185 0.85 11.76 3.05
N HIS B 186 0.57 13.02 2.75
CA HIS B 186 -0.13 13.92 3.72
C HIS B 186 0.59 14.03 5.04
N LEU B 187 1.92 14.07 4.96
CA LEU B 187 2.76 14.12 6.16
C LEU B 187 2.37 15.34 6.97
N ARG B 188 2.18 15.11 8.27
CA ARG B 188 1.91 16.19 9.21
CA ARG B 188 1.86 16.12 9.27
C ARG B 188 3.08 16.48 10.13
N ALA B 189 3.14 17.75 10.56
CA ALA B 189 4.04 18.20 11.61
C ALA B 189 3.90 17.27 12.81
N GLY B 190 5.02 16.89 13.43
CA GLY B 190 4.88 15.96 14.54
C GLY B 190 5.02 14.51 14.13
N ASP B 191 5.09 14.22 12.83
CA ASP B 191 5.29 12.84 12.38
C ASP B 191 6.76 12.45 12.49
N ARG B 192 7.02 11.16 12.65
CA ARG B 192 8.37 10.63 12.64
C ARG B 192 8.59 9.93 11.29
N VAL B 193 9.67 10.28 10.60
CA VAL B 193 9.94 9.76 9.26
C VAL B 193 11.28 9.07 9.18
N VAL B 194 11.33 7.96 8.48
CA VAL B 194 12.60 7.26 8.38
C VAL B 194 13.03 7.24 6.96
N VAL B 195 14.24 7.72 6.76
CA VAL B 195 14.77 7.92 5.43
C VAL B 195 15.94 6.97 5.33
N GLN B 196 15.91 6.07 4.35
CA GLN B 196 16.95 5.03 4.20
C GLN B 196 18.02 5.54 3.23
N GLY B 197 19.26 5.52 3.70
CA GLY B 197 20.37 5.99 2.89
C GLY B 197 20.41 7.50 2.83
N THR B 198 21.25 8.00 1.92
CA THR B 198 21.56 9.41 1.83
C THR B 198 21.62 9.86 0.36
N GLY B 199 21.09 9.04 -0.54
CA GLY B 199 21.05 9.43 -1.95
C GLY B 199 20.16 10.64 -2.17
N GLY B 200 19.87 10.96 -3.43
CA GLY B 200 19.15 12.21 -3.74
C GLY B 200 17.74 12.24 -3.20
N VAL B 201 16.98 11.17 -3.43
CA VAL B 201 15.61 11.09 -2.91
C VAL B 201 15.58 11.10 -1.38
N ALA B 202 16.55 10.47 -0.73
CA ALA B 202 16.61 10.38 0.74
C ALA B 202 16.74 11.77 1.36
N LEU B 203 17.60 12.59 0.79
CA LEU B 203 17.90 13.88 1.37
C LEU B 203 16.84 14.94 1.08
N PHE B 204 16.19 14.90 -0.08
CA PHE B 204 14.98 15.74 -0.24
C PHE B 204 13.94 15.24 0.75
N GLY B 205 13.88 13.91 0.93
CA GLY B 205 13.05 13.32 1.98
C GLY B 205 13.22 13.99 3.34
N LEU B 206 14.45 14.19 3.72
CA LEU B 206 14.75 14.80 5.01
C LEU B 206 14.38 16.28 4.93
N GLN B 207 14.73 16.91 3.84
CA GLN B 207 14.55 18.36 3.83
C GLN B 207 13.07 18.72 3.86
N ILE B 208 12.28 17.99 3.09
CA ILE B 208 10.84 18.23 3.05
C ILE B 208 10.21 17.78 4.37
N ALA B 209 10.71 16.70 4.99
CA ALA B 209 10.15 16.26 6.28
C ALA B 209 10.39 17.28 7.39
N LYS B 210 11.59 17.87 7.42
CA LYS B 210 11.91 18.94 8.35
C LYS B 210 11.13 20.23 8.07
N ALA B 211 10.83 20.50 6.82
CA ALA B 211 10.10 21.75 6.53
C ALA B 211 8.62 21.60 6.95
N THR B 212 8.17 20.36 7.06
CA THR B 212 6.78 20.01 7.42
C THR B 212 6.63 19.89 8.94
N GLY B 213 7.72 20.08 9.67
CA GLY B 213 7.70 19.98 11.11
C GLY B 213 7.70 18.55 11.64
N ALA B 214 8.31 17.60 10.91
CA ALA B 214 8.40 16.18 11.36
C ALA B 214 9.80 15.83 11.86
N GLU B 215 9.95 14.75 12.61
CA GLU B 215 11.28 14.30 12.95
C GLU B 215 11.76 13.38 11.85
N VAL B 216 13.03 13.46 11.54
CA VAL B 216 13.60 12.58 10.57
C VAL B 216 14.65 11.70 11.26
N ILE B 217 14.54 10.40 11.04
CA ILE B 217 15.55 9.42 11.41
C ILE B 217 16.22 8.93 10.12
N VAL B 218 17.55 9.12 10.01
CA VAL B 218 18.28 8.71 8.83
C VAL B 218 18.99 7.40 9.12
N THR B 219 18.90 6.45 8.20
CA THR B 219 19.68 5.22 8.28
C THR B 219 20.79 5.25 7.24
N SER B 220 21.92 4.64 7.57
CA SER B 220 23.12 4.68 6.73
C SER B 220 24.14 3.61 7.16
N SER B 221 25.10 3.31 6.30
CA SER B 221 26.17 2.37 6.68
C SER B 221 27.50 3.09 6.81
N SER B 222 27.44 4.41 6.95
CA SER B 222 28.62 5.24 7.02
C SER B 222 28.47 6.43 8.01
N ARG B 223 29.32 6.43 9.04
CA ARG B 223 29.37 7.49 10.05
C ARG B 223 29.52 8.88 9.44
N GLU B 224 30.35 8.99 8.41
CA GLU B 224 30.61 10.26 7.75
C GLU B 224 29.33 10.79 7.10
N LYS B 225 28.57 9.91 6.46
CA LYS B 225 27.30 10.32 5.85
C LYS B 225 26.30 10.77 6.93
N LEU B 226 26.21 9.98 7.99
CA LEU B 226 25.41 10.32 9.17
C LEU B 226 25.73 11.70 9.76
N ASP B 227 27.02 11.99 9.95
CA ASP B 227 27.47 13.31 10.41
C ASP B 227 27.06 14.44 9.47
N ARG B 228 27.20 14.21 8.17
CA ARG B 228 26.74 15.16 7.17
C ARG B 228 25.21 15.34 7.24
N ALA B 229 24.49 14.22 7.38
CA ALA B 229 23.02 14.21 7.56
C ALA B 229 22.58 15.05 8.76
N PHE B 230 23.24 14.81 9.89
CA PHE B 230 23.03 15.59 11.12
C PHE B 230 23.21 17.10 10.90
N ALA B 231 24.26 17.50 10.18
CA ALA B 231 24.45 18.92 9.79
C ALA B 231 23.31 19.49 8.95
N LEU B 232 22.71 18.65 8.10
CA LEU B 232 21.46 19.03 7.40
C LEU B 232 20.24 19.09 8.33
N GLY B 233 20.35 18.51 9.52
CA GLY B 233 19.28 18.63 10.51
C GLY B 233 18.41 17.40 10.72
N ALA B 234 18.97 16.22 10.42
CA ALA B 234 18.38 14.94 10.79
C ALA B 234 18.36 14.87 12.32
N ASP B 235 17.27 14.42 12.92
CA ASP B 235 17.20 14.45 14.39
C ASP B 235 17.94 13.26 14.95
N HIS B 236 17.96 12.17 14.19
CA HIS B 236 18.68 10.97 14.60
C HIS B 236 19.23 10.33 13.39
N GLY B 237 20.35 9.64 13.56
CA GLY B 237 20.95 8.87 12.49
C GLY B 237 21.25 7.52 13.08
N ILE B 238 20.98 6.45 12.31
CA ILE B 238 21.34 5.10 12.75
C ILE B 238 22.33 4.46 11.79
N ASN B 239 23.41 3.92 12.34
CA ASN B 239 24.31 3.11 11.54
C ASN B 239 23.86 1.66 11.55
N ARG B 240 23.24 1.25 10.43
CA ARG B 240 22.63 -0.07 10.31
C ARG B 240 23.63 -1.20 10.43
N LEU B 241 24.92 -0.87 10.39
CA LEU B 241 25.99 -1.84 10.55
C LEU B 241 26.43 -1.96 12.01
N GLU B 242 26.04 -1.01 12.85
CA GLU B 242 26.31 -1.07 14.29
C GLU B 242 25.17 -1.75 15.06
N GLU B 243 23.92 -1.39 14.72
CA GLU B 243 22.75 -1.86 15.46
C GLU B 243 21.56 -2.13 14.54
N ASP B 244 20.68 -3.01 15.03
CA ASP B 244 19.38 -3.30 14.46
C ASP B 244 18.57 -2.03 14.45
N TRP B 245 18.42 -1.43 13.28
CA TRP B 245 17.76 -0.14 13.18
C TRP B 245 16.29 -0.20 13.51
N VAL B 246 15.69 -1.38 13.45
CA VAL B 246 14.30 -1.50 13.81
C VAL B 246 14.12 -1.19 15.31
N GLU B 247 14.94 -1.82 16.16
CA GLU B 247 14.95 -1.48 17.58
C GLU B 247 15.17 0.00 17.86
N ARG B 248 16.13 0.59 17.16
CA ARG B 248 16.48 1.95 17.43
C ARG B 248 15.30 2.88 17.07
N VAL B 249 14.51 2.47 16.07
CA VAL B 249 13.31 3.20 15.71
C VAL B 249 12.27 3.06 16.83
N TYR B 250 12.14 1.86 17.39
CA TYR B 250 11.19 1.64 18.48
C TYR B 250 11.56 2.51 19.68
N ALA B 251 12.77 2.28 20.21
CA ALA B 251 13.36 3.15 21.22
C ALA B 251 13.18 4.66 20.88
N LEU B 252 13.40 5.06 19.63
CA LEU B 252 13.27 6.49 19.28
C LEU B 252 11.83 7.03 19.28
N THR B 253 10.86 6.14 19.06
CA THR B 253 9.45 6.49 19.03
C THR B 253 8.66 5.79 20.16
N GLY B 254 9.31 5.53 21.29
CA GLY B 254 8.63 4.86 22.39
C GLY B 254 7.77 3.67 21.99
N ASP B 255 8.19 2.94 20.96
CA ASP B 255 7.46 1.77 20.43
C ASP B 255 6.35 2.01 19.44
N ARG B 256 5.93 3.28 19.29
CA ARG B 256 4.92 3.62 18.30
CA ARG B 256 4.91 3.57 18.33
C ARG B 256 5.40 3.11 16.95
N GLY B 257 6.71 3.24 16.68
CA GLY B 257 7.25 3.01 15.32
C GLY B 257 7.00 4.24 14.45
N ALA B 258 7.44 4.20 13.19
CA ALA B 258 7.50 5.43 12.35
C ALA B 258 6.26 5.75 11.50
N ASP B 259 5.89 7.02 11.44
CA ASP B 259 4.69 7.41 10.67
C ASP B 259 4.89 7.14 9.17
N HIS B 260 6.04 7.53 8.62
CA HIS B 260 6.29 7.40 7.18
C HIS B 260 7.68 6.91 6.91
N ILE B 261 7.81 5.76 6.23
CA ILE B 261 9.14 5.26 5.89
C ILE B 261 9.37 5.27 4.39
N LEU B 262 10.39 6.02 3.97
CA LEU B 262 10.87 6.10 2.59
C LEU B 262 11.82 4.92 2.29
N GLU B 263 11.26 3.86 1.70
CA GLU B 263 11.95 2.59 1.43
C GLU B 263 12.68 2.62 0.10
N ILE B 264 13.93 3.05 0.13
CA ILE B 264 14.70 3.21 -1.10
C ILE B 264 15.38 1.88 -1.47
N ALA B 265 14.90 1.29 -2.57
CA ALA B 265 14.95 -0.17 -2.83
C ALA B 265 16.21 -0.93 -2.46
N GLY B 266 17.37 -0.28 -2.56
CA GLY B 266 18.65 -0.87 -2.14
C GLY B 266 19.08 -0.43 -0.75
N GLY B 267 18.11 -0.32 0.17
CA GLY B 267 18.38 0.18 1.54
C GLY B 267 18.50 -0.91 2.58
N ALA B 268 17.42 -1.10 3.35
CA ALA B 268 17.44 -2.04 4.48
C ALA B 268 16.38 -3.16 4.41
N GLY B 269 15.44 -3.06 3.47
CA GLY B 269 14.43 -4.11 3.23
C GLY B 269 12.98 -3.68 3.41
N LEU B 270 12.05 -4.39 2.77
CA LEU B 270 10.62 -4.14 2.94
C LEU B 270 10.11 -4.78 4.22
N GLY B 271 10.53 -6.02 4.47
CA GLY B 271 10.18 -6.74 5.68
C GLY B 271 10.69 -6.06 6.93
N GLN B 272 11.76 -5.30 6.77
CA GLN B 272 12.37 -4.58 7.87
C GLN B 272 11.54 -3.34 8.20
N SER B 273 11.19 -2.57 7.18
CA SER B 273 10.36 -1.40 7.41
C SER B 273 8.92 -1.77 7.81
N LEU B 274 8.48 -3.00 7.50
CA LEU B 274 7.16 -3.44 7.94
C LEU B 274 7.09 -3.52 9.47
N LYS B 275 8.15 -4.04 10.05
CA LYS B 275 8.31 -4.17 11.49
C LYS B 275 8.48 -2.78 12.10
N ALA B 276 9.18 -1.91 11.41
CA ALA B 276 9.46 -0.58 11.95
C ALA B 276 8.29 0.42 11.82
N VAL B 277 7.33 0.16 10.93
CA VAL B 277 6.26 1.15 10.67
C VAL B 277 5.21 1.09 11.78
N ALA B 278 4.64 2.25 12.07
CA ALA B 278 3.53 2.39 12.98
C ALA B 278 2.26 1.85 12.34
N PRO B 279 1.42 1.13 13.15
CA PRO B 279 0.07 0.74 12.74
C PRO B 279 -0.54 1.88 11.95
N ASP B 280 -1.16 1.56 10.81
CA ASP B 280 -1.78 2.56 9.97
C ASP B 280 -0.80 3.61 9.42
N GLY B 281 0.51 3.33 9.44
CA GLY B 281 1.51 4.24 8.91
C GLY B 281 1.72 3.94 7.45
N ARG B 282 2.77 4.50 6.88
CA ARG B 282 2.91 4.46 5.45
C ARG B 282 4.32 4.05 5.07
N ILE B 283 4.45 3.24 4.03
CA ILE B 283 5.78 2.90 3.57
C ILE B 283 5.84 3.18 2.10
N SER B 284 6.68 4.14 1.70
CA SER B 284 6.84 4.47 0.27
C SER B 284 7.99 3.66 -0.30
N VAL B 285 7.70 2.94 -1.37
CA VAL B 285 8.71 2.14 -2.03
C VAL B 285 9.20 2.93 -3.24
N ILE B 286 10.48 3.27 -3.19
CA ILE B 286 11.15 4.01 -4.24
C ILE B 286 12.33 3.17 -4.75
N GLY B 287 12.43 3.01 -6.07
CA GLY B 287 13.33 1.97 -6.54
C GLY B 287 14.16 2.15 -7.79
N VAL B 288 15.05 1.19 -7.98
CA VAL B 288 16.03 1.21 -9.06
C VAL B 288 15.86 -0.04 -9.94
N LEU B 289 16.78 -1.02 -9.81
CA LEU B 289 16.88 -2.19 -10.72
C LEU B 289 15.55 -2.78 -11.21
N GLU B 290 15.49 -3.03 -12.52
CA GLU B 290 14.32 -3.66 -13.16
C GLU B 290 14.42 -5.19 -13.04
N GLY B 291 14.38 -5.66 -11.79
CA GLY B 291 14.51 -7.07 -11.45
C GLY B 291 14.56 -7.37 -9.97
N PHE B 292 14.64 -6.33 -9.13
CA PHE B 292 14.59 -6.49 -7.67
C PHE B 292 13.29 -7.18 -7.28
N GLU B 293 13.38 -8.16 -6.40
CA GLU B 293 12.21 -8.83 -5.88
C GLU B 293 12.12 -8.43 -4.41
N VAL B 294 10.96 -7.93 -4.00
CA VAL B 294 10.72 -7.61 -2.59
C VAL B 294 10.68 -8.85 -1.69
N SER B 295 10.11 -8.67 -0.50
CA SER B 295 10.05 -9.72 0.52
C SER B 295 9.58 -9.05 1.79
N GLY B 296 8.63 -9.69 2.47
CA GLY B 296 8.14 -9.20 3.76
C GLY B 296 7.28 -10.21 4.51
N PRO B 297 7.27 -10.13 5.86
CA PRO B 297 6.34 -11.00 6.56
C PRO B 297 4.93 -10.44 6.51
N VAL B 298 3.95 -11.34 6.43
CA VAL B 298 2.53 -10.98 6.30
C VAL B 298 2.02 -10.31 7.58
N GLY B 299 2.38 -10.88 8.73
CA GLY B 299 1.89 -10.44 10.04
C GLY B 299 1.80 -8.94 10.23
N PRO B 300 2.97 -8.24 10.22
CA PRO B 300 2.91 -6.79 10.31
C PRO B 300 2.05 -6.18 9.20
N LEU B 301 2.17 -6.65 7.96
CA LEU B 301 1.38 -6.07 6.87
C LEU B 301 -0.11 -6.06 7.19
N LEU B 302 -0.57 -7.14 7.84
CA LEU B 302 -1.96 -7.34 8.19
C LEU B 302 -2.38 -6.68 9.51
N LEU B 303 -1.72 -7.08 10.59
CA LEU B 303 -2.08 -6.61 11.94
C LEU B 303 -1.88 -5.12 12.15
N LYS B 304 -0.96 -4.55 11.37
CA LYS B 304 -0.57 -3.17 11.53
C LYS B 304 -1.16 -2.33 10.41
N SER B 305 -1.57 -2.99 9.32
CA SER B 305 -2.27 -2.36 8.18
C SER B 305 -1.66 -1.08 7.59
N PRO B 306 -0.36 -1.04 7.35
CA PRO B 306 0.12 0.17 6.70
C PRO B 306 -0.27 0.17 5.24
N VAL B 307 -0.27 1.35 4.63
CA VAL B 307 -0.39 1.50 3.20
C VAL B 307 1.02 1.34 2.70
N VAL B 308 1.23 0.39 1.79
CA VAL B 308 2.48 0.29 1.06
C VAL B 308 2.28 0.79 -0.37
N GLN B 309 3.05 1.80 -0.74
CA GLN B 309 2.78 2.45 -1.99
C GLN B 309 4.05 2.63 -2.78
N GLY B 310 4.10 1.99 -3.94
CA GLY B 310 5.19 2.20 -4.89
C GLY B 310 5.06 3.63 -5.42
N ILE B 311 6.20 4.29 -5.62
CA ILE B 311 6.23 5.71 -6.00
C ILE B 311 7.11 5.90 -7.22
N SER B 312 6.51 6.07 -8.40
CA SER B 312 7.31 6.36 -9.59
C SER B 312 7.33 7.85 -9.90
N VAL B 313 8.20 8.58 -9.23
CA VAL B 313 8.34 10.01 -9.44
C VAL B 313 7.02 10.78 -9.18
N GLY B 314 6.43 11.43 -10.19
CA GLY B 314 5.27 12.30 -9.97
C GLY B 314 4.86 13.10 -11.19
N HIS B 315 3.75 13.84 -11.13
CA HIS B 315 3.29 14.58 -12.31
C HIS B 315 3.69 16.03 -12.33
N ARG B 316 3.21 16.77 -13.33
CA ARG B 316 3.72 18.11 -13.56
C ARG B 316 3.16 19.13 -12.56
N ARG B 317 1.89 18.98 -12.19
CA ARG B 317 1.29 19.90 -11.23
C ARG B 317 1.96 19.71 -9.86
N ALA B 318 2.30 18.46 -9.48
CA ALA B 318 3.09 18.27 -8.25
C ALA B 318 4.45 18.97 -8.34
N LEU B 319 5.07 18.91 -9.52
CA LEU B 319 6.34 19.60 -9.73
C LEU B 319 6.19 21.08 -9.48
N GLU B 320 5.19 21.70 -10.10
CA GLU B 320 4.91 23.13 -9.87
C GLU B 320 4.67 23.43 -8.40
N ASP B 321 3.98 22.54 -7.69
CA ASP B 321 3.82 22.66 -6.23
C ASP B 321 5.17 22.65 -5.51
N LEU B 322 6.02 21.69 -5.88
CA LEU B 322 7.31 21.54 -5.23
C LEU B 322 8.16 22.78 -5.45
N VAL B 323 8.10 23.37 -6.65
CA VAL B 323 8.89 24.54 -7.04
C VAL B 323 8.50 25.72 -6.17
N GLY B 324 7.18 25.92 -6.03
CA GLY B 324 6.65 26.97 -5.20
C GLY B 324 7.15 26.80 -3.77
N ALA B 325 6.98 25.60 -3.25
CA ALA B 325 7.38 25.33 -1.87
C ALA B 325 8.89 25.55 -1.69
N VAL B 326 9.70 25.13 -2.66
CA VAL B 326 11.14 25.34 -2.59
C VAL B 326 11.44 26.83 -2.41
N ASP B 327 10.73 27.67 -3.15
CA ASP B 327 10.90 29.12 -3.06
C ASP B 327 10.50 29.69 -1.72
N ARG B 328 9.28 29.39 -1.26
CA ARG B 328 8.81 30.03 -0.02
C ARG B 328 9.49 29.43 1.18
N LEU B 329 10.01 28.22 1.04
CA LEU B 329 10.75 27.63 2.13
C LEU B 329 12.21 28.10 2.18
N GLY B 330 12.77 28.52 1.06
CA GLY B 330 14.22 28.68 0.93
C GLY B 330 15.02 27.35 0.99
N LEU B 331 14.42 26.25 0.54
CA LEU B 331 15.11 24.94 0.47
C LEU B 331 16.28 24.95 -0.51
N LYS B 332 17.45 24.51 -0.03
CA LYS B 332 18.65 24.34 -0.85
C LYS B 332 18.94 22.85 -1.13
N PRO B 333 18.72 22.39 -2.38
CA PRO B 333 18.97 20.96 -2.72
C PRO B 333 20.39 20.56 -2.39
N VAL B 334 20.61 19.35 -1.87
CA VAL B 334 21.97 18.88 -1.57
C VAL B 334 22.71 18.40 -2.83
N ILE B 335 23.84 19.02 -3.13
CA ILE B 335 24.61 18.63 -4.31
C ILE B 335 25.97 18.11 -3.86
N ASP B 336 26.34 16.91 -4.29
CA ASP B 336 27.61 16.32 -3.87
C ASP B 336 28.76 16.97 -4.65
N ARG B 338 29.59 19.38 -8.50
CA ARG B 338 29.31 19.92 -9.83
C ARG B 338 30.47 19.57 -10.76
N TYR B 339 30.14 19.01 -11.92
CA TYR B 339 31.14 18.68 -12.93
C TYR B 339 30.89 19.49 -14.18
N LYS B 340 31.95 19.73 -14.95
CA LYS B 340 31.83 20.53 -16.18
C LYS B 340 31.34 19.60 -17.29
N PHE B 341 30.76 20.18 -18.35
CA PHE B 341 30.10 19.41 -19.43
C PHE B 341 30.99 18.31 -20.02
N THR B 342 32.27 18.63 -20.09
CA THR B 342 33.36 17.81 -20.59
C THR B 342 33.71 16.62 -19.68
N GLU B 343 33.23 16.65 -18.45
CA GLU B 343 33.57 15.63 -17.47
C GLU B 343 32.41 14.71 -17.08
N VAL B 344 31.45 14.58 -17.98
CA VAL B 344 30.37 13.61 -17.83
C VAL B 344 30.85 12.20 -17.40
N PRO B 345 31.87 11.63 -18.07
CA PRO B 345 32.38 10.31 -17.64
C PRO B 345 32.76 10.28 -16.16
N GLU B 346 33.46 11.31 -15.72
CA GLU B 346 33.83 11.47 -14.31
C GLU B 346 32.60 11.54 -13.42
N ALA B 347 31.55 12.19 -13.92
CA ALA B 347 30.30 12.35 -13.19
C ALA B 347 29.54 11.02 -13.16
N LEU B 348 29.64 10.24 -14.22
CA LEU B 348 29.01 8.93 -14.24
C LEU B 348 29.68 7.99 -13.25
N ALA B 349 30.98 8.19 -13.05
CA ALA B 349 31.77 7.46 -12.07
C ALA B 349 31.35 7.80 -10.63
N HIS B 350 31.15 9.09 -10.38
CA HIS B 350 30.73 9.57 -9.08
C HIS B 350 29.38 8.99 -8.77
N LEU B 351 28.56 8.88 -9.82
CA LEU B 351 27.20 8.41 -9.71
C LEU B 351 27.08 6.98 -9.19
N ASP B 352 28.14 6.19 -9.27
CA ASP B 352 28.04 4.87 -8.65
C ASP B 352 29.04 4.62 -7.56
N ARG B 353 29.53 5.69 -6.96
CA ARG B 353 30.24 5.61 -5.70
C ARG B 353 29.37 6.05 -4.53
N GLY B 354 28.05 6.05 -4.72
CA GLY B 354 27.09 6.46 -3.69
C GLY B 354 27.18 7.94 -3.33
N PRO B 355 26.73 8.82 -4.24
CA PRO B 355 26.77 10.23 -3.90
C PRO B 355 25.93 10.57 -2.64
N PHE B 356 26.45 11.45 -1.81
CA PHE B 356 25.67 12.10 -0.78
C PHE B 356 24.88 13.23 -1.45
N GLY B 357 23.66 12.93 -1.90
CA GLY B 357 22.89 13.94 -2.60
C GLY B 357 23.10 13.83 -4.10
N LYS B 358 23.28 14.96 -4.77
CA LYS B 358 23.09 14.98 -6.21
C LYS B 358 24.38 15.18 -6.98
N VAL B 359 24.53 14.46 -8.09
CA VAL B 359 25.58 14.78 -9.05
C VAL B 359 24.98 15.62 -10.19
N VAL B 360 25.55 16.79 -10.38
CA VAL B 360 25.09 17.75 -11.35
C VAL B 360 26.24 18.12 -12.33
N ILE B 361 25.85 18.31 -13.58
CA ILE B 361 26.77 18.78 -14.57
C ILE B 361 26.35 20.19 -14.88
N GLU B 362 27.31 21.11 -14.78
CA GLU B 362 27.09 22.54 -14.98
C GLU B 362 27.58 23.00 -16.35
N PHE B 363 26.70 23.61 -17.13
CA PHE B 363 27.10 24.17 -18.40
C PHE B 363 27.42 25.64 -18.21
#